data_3KUI
# 
_entry.id   3KUI 
# 
_audit_conform.dict_name       mmcif_pdbx.dic 
_audit_conform.dict_version    5.378 
_audit_conform.dict_location   http://mmcif.pdb.org/dictionaries/ascii/mmcif_pdbx.dic 
# 
loop_
_database_2.database_id 
_database_2.database_code 
_database_2.pdbx_database_accession 
_database_2.pdbx_DOI 
PDB   3KUI         pdb_00003kui 10.2210/pdb3kui/pdb 
RCSB  RCSB056463   ?            ?                   
WWPDB D_1000056463 ?            ?                   
# 
_pdbx_database_related.db_name        PDB 
_pdbx_database_related.db_id          3KUJ 
_pdbx_database_related.details        . 
_pdbx_database_related.content_type   unspecified 
# 
_pdbx_database_status.status_code                     REL 
_pdbx_database_status.entry_id                        3KUI 
_pdbx_database_status.recvd_initial_deposition_date   2009-11-27 
_pdbx_database_status.deposit_site                    RCSB 
_pdbx_database_status.process_site                    RCSB 
_pdbx_database_status.status_code_sf                  REL 
_pdbx_database_status.status_code_mr                  ? 
_pdbx_database_status.SG_entry                        ? 
_pdbx_database_status.pdb_format_compatible           Y 
_pdbx_database_status.status_code_cs                  ? 
_pdbx_database_status.status_code_nmr_data            ? 
_pdbx_database_status.methods_development_category    ? 
# 
loop_
_audit_author.name 
_audit_author.pdbx_ordinal 
'Kozlov, G.'  1 
'Gehring, K.' 2 
# 
_citation.id                        primary 
_citation.title                     'Molecular basis of eRF3 recognition by the MLLE domain of poly(A)-binding protein.' 
_citation.journal_abbrev            'Plos One' 
_citation.journal_volume            5 
_citation.page_first                e10169 
_citation.page_last                 e10169 
_citation.year                      2010 
_citation.journal_id_ASTM           ? 
_citation.country                   US 
_citation.journal_id_ISSN           1932-6203 
_citation.journal_id_CSD            ? 
_citation.book_publisher            ? 
_citation.pdbx_database_id_PubMed   20418951 
_citation.pdbx_database_id_DOI      10.1371/journal.pone.0010169 
# 
loop_
_citation_author.citation_id 
_citation_author.name 
_citation_author.ordinal 
_citation_author.identifier_ORCID 
primary 'Kozlov, G.'  1 ? 
primary 'Gehring, K.' 2 ? 
# 
_cell.entry_id           3KUI 
_cell.length_a           37.432 
_cell.length_b           63.631 
_cell.length_c           32.226 
_cell.angle_alpha        90.00 
_cell.angle_beta         90.00 
_cell.angle_gamma        90.00 
_cell.Z_PDB              4 
_cell.pdbx_unique_axis   ? 
_cell.length_a_esd       ? 
_cell.length_b_esd       ? 
_cell.length_c_esd       ? 
_cell.angle_alpha_esd    ? 
_cell.angle_beta_esd     ? 
_cell.angle_gamma_esd    ? 
# 
_symmetry.entry_id                         3KUI 
_symmetry.space_group_name_H-M             'P 21 21 2' 
_symmetry.pdbx_full_space_group_name_H-M   ? 
_symmetry.cell_setting                     ? 
_symmetry.Int_Tables_number                18 
_symmetry.space_group_name_Hall            ? 
# 
loop_
_entity.id 
_entity.type 
_entity.src_method 
_entity.pdbx_description 
_entity.formula_weight 
_entity.pdbx_number_of_molecules 
_entity.pdbx_ec 
_entity.pdbx_mutation 
_entity.pdbx_fragment 
_entity.details 
1 polymer     man 'Polyadenylate-binding protein 1' 9421.909 1  ? ? 'C-terminal domain'     ? 
2 polymer     syn 'GSPT1 protein'                   1736.004 1  ? ? 'PABPC1-binding region' ? 
3 non-polymer syn 'ZINC ION'                        65.409   1  ? ? ?                       ? 
4 non-polymer syn 'SULFATE ION'                     96.063   1  ? ? ?                       ? 
5 water       nat water                             18.015   16 ? ? ?                       ? 
# 
_entity_name_com.entity_id   1 
_entity_name_com.name        'Poly(A)-binding protein 1, PABP 1' 
# 
loop_
_entity_poly.entity_id 
_entity_poly.type 
_entity_poly.nstd_linkage 
_entity_poly.nstd_monomer 
_entity_poly.pdbx_seq_one_letter_code 
_entity_poly.pdbx_seq_one_letter_code_can 
_entity_poly.pdbx_strand_id 
_entity_poly.pdbx_target_identifier 
1 'polypeptide(L)' no no 
;GPLGSPLTASMLASAPPQEQKQMLGERLFPLIQAMHPTLAGKITGMLLEIDNSELLHMLESPESLRSKVDEAVAVLQAHQ
AKEAAQKA
;
;GPLGSPLTASMLASAPPQEQKQMLGERLFPLIQAMHPTLAGKITGMLLEIDNSELLHMLESPESLRSKVDEAVAVLQAHQ
AKEAAQKA
;
A ? 
2 'polypeptide(L)' no no RQLNVNAKPFVPNVH                                                                             
RQLNVNAKPFVPNVH                                                                             B ? 
# 
loop_
_entity_poly_seq.entity_id 
_entity_poly_seq.num 
_entity_poly_seq.mon_id 
_entity_poly_seq.hetero 
1 1  GLY n 
1 2  PRO n 
1 3  LEU n 
1 4  GLY n 
1 5  SER n 
1 6  PRO n 
1 7  LEU n 
1 8  THR n 
1 9  ALA n 
1 10 SER n 
1 11 MET n 
1 12 LEU n 
1 13 ALA n 
1 14 SER n 
1 15 ALA n 
1 16 PRO n 
1 17 PRO n 
1 18 GLN n 
1 19 GLU n 
1 20 GLN n 
1 21 LYS n 
1 22 GLN n 
1 23 MET n 
1 24 LEU n 
1 25 GLY n 
1 26 GLU n 
1 27 ARG n 
1 28 LEU n 
1 29 PHE n 
1 30 PRO n 
1 31 LEU n 
1 32 ILE n 
1 33 GLN n 
1 34 ALA n 
1 35 MET n 
1 36 HIS n 
1 37 PRO n 
1 38 THR n 
1 39 LEU n 
1 40 ALA n 
1 41 GLY n 
1 42 LYS n 
1 43 ILE n 
1 44 THR n 
1 45 GLY n 
1 46 MET n 
1 47 LEU n 
1 48 LEU n 
1 49 GLU n 
1 50 ILE n 
1 51 ASP n 
1 52 ASN n 
1 53 SER n 
1 54 GLU n 
1 55 LEU n 
1 56 LEU n 
1 57 HIS n 
1 58 MET n 
1 59 LEU n 
1 60 GLU n 
1 61 SER n 
1 62 PRO n 
1 63 GLU n 
1 64 SER n 
1 65 LEU n 
1 66 ARG n 
1 67 SER n 
1 68 LYS n 
1 69 VAL n 
1 70 ASP n 
1 71 GLU n 
1 72 ALA n 
1 73 VAL n 
1 74 ALA n 
1 75 VAL n 
1 76 LEU n 
1 77 GLN n 
1 78 ALA n 
1 79 HIS n 
1 80 GLN n 
1 81 ALA n 
1 82 LYS n 
1 83 GLU n 
1 84 ALA n 
1 85 ALA n 
1 86 GLN n 
1 87 LYS n 
1 88 ALA n 
2 1  ARG n 
2 2  GLN n 
2 3  LEU n 
2 4  ASN n 
2 5  VAL n 
2 6  ASN n 
2 7  ALA n 
2 8  LYS n 
2 9  PRO n 
2 10 PHE n 
2 11 VAL n 
2 12 PRO n 
2 13 ASN n 
2 14 VAL n 
2 15 HIS n 
# 
_entity_src_gen.entity_id                          1 
_entity_src_gen.pdbx_src_id                        1 
_entity_src_gen.pdbx_alt_source_flag               sample 
_entity_src_gen.pdbx_seq_type                      ? 
_entity_src_gen.pdbx_beg_seq_num                   ? 
_entity_src_gen.pdbx_end_seq_num                   ? 
_entity_src_gen.gene_src_common_name               human 
_entity_src_gen.gene_src_genus                     ? 
_entity_src_gen.pdbx_gene_src_gene                 'PABPC1, PAB1, PABP1, PABPC2' 
_entity_src_gen.gene_src_species                   ? 
_entity_src_gen.gene_src_strain                    ? 
_entity_src_gen.gene_src_tissue                    ? 
_entity_src_gen.gene_src_tissue_fraction           ? 
_entity_src_gen.gene_src_details                   ? 
_entity_src_gen.pdbx_gene_src_fragment             ? 
_entity_src_gen.pdbx_gene_src_scientific_name      'Homo sapiens' 
_entity_src_gen.pdbx_gene_src_ncbi_taxonomy_id     9606 
_entity_src_gen.pdbx_gene_src_variant              ? 
_entity_src_gen.pdbx_gene_src_cell_line            ? 
_entity_src_gen.pdbx_gene_src_atcc                 ? 
_entity_src_gen.pdbx_gene_src_organ                ? 
_entity_src_gen.pdbx_gene_src_organelle            ? 
_entity_src_gen.pdbx_gene_src_cell                 ? 
_entity_src_gen.pdbx_gene_src_cellular_location    ? 
_entity_src_gen.host_org_common_name               ? 
_entity_src_gen.pdbx_host_org_scientific_name      'Escherichia coli' 
_entity_src_gen.pdbx_host_org_ncbi_taxonomy_id     562 
_entity_src_gen.host_org_genus                     ? 
_entity_src_gen.pdbx_host_org_gene                 ? 
_entity_src_gen.pdbx_host_org_organ                ? 
_entity_src_gen.host_org_species                   ? 
_entity_src_gen.pdbx_host_org_tissue               ? 
_entity_src_gen.pdbx_host_org_tissue_fraction      ? 
_entity_src_gen.pdbx_host_org_strain               BL21 
_entity_src_gen.pdbx_host_org_variant              ? 
_entity_src_gen.pdbx_host_org_cell_line            ? 
_entity_src_gen.pdbx_host_org_atcc                 ? 
_entity_src_gen.pdbx_host_org_culture_collection   ? 
_entity_src_gen.pdbx_host_org_cell                 ? 
_entity_src_gen.pdbx_host_org_organelle            ? 
_entity_src_gen.pdbx_host_org_cellular_location    ? 
_entity_src_gen.pdbx_host_org_vector_type          plasmid 
_entity_src_gen.pdbx_host_org_vector               ? 
_entity_src_gen.host_org_details                   ? 
_entity_src_gen.expression_system_id               ? 
_entity_src_gen.plasmid_name                       pGEX-6P-1 
_entity_src_gen.plasmid_details                    ? 
_entity_src_gen.pdbx_description                   ? 
# 
_pdbx_entity_src_syn.entity_id              2 
_pdbx_entity_src_syn.pdbx_src_id            1 
_pdbx_entity_src_syn.pdbx_alt_source_flag   sample 
_pdbx_entity_src_syn.pdbx_beg_seq_num       ? 
_pdbx_entity_src_syn.pdbx_end_seq_num       ? 
_pdbx_entity_src_syn.organism_scientific    'Homo sapiens' 
_pdbx_entity_src_syn.organism_common_name   human 
_pdbx_entity_src_syn.ncbi_taxonomy_id       9606 
_pdbx_entity_src_syn.details                'chemically synthesized' 
# 
loop_
_struct_ref.id 
_struct_ref.db_name 
_struct_ref.db_code 
_struct_ref.pdbx_db_accession 
_struct_ref.entity_id 
_struct_ref.pdbx_seq_one_letter_code 
_struct_ref.pdbx_align_begin 
_struct_ref.pdbx_db_isoform 
1 UNP PABP1_HUMAN  P11940 1 
;PLTASMLASAPPQEQKQMLGERLFPLIQAMHPTLAGKITGMLLEIDNSELLHMLESPESLRSKVDEAVAVLQAHQAKEAA
QKA
;
544 ? 
2 UNP Q96GF2_HUMAN Q96GF2 2 RQLNVNAKPFVPNVH                                                                        64  ? 
# 
loop_
_struct_ref_seq.align_id 
_struct_ref_seq.ref_id 
_struct_ref_seq.pdbx_PDB_id_code 
_struct_ref_seq.pdbx_strand_id 
_struct_ref_seq.seq_align_beg 
_struct_ref_seq.pdbx_seq_align_beg_ins_code 
_struct_ref_seq.seq_align_end 
_struct_ref_seq.pdbx_seq_align_end_ins_code 
_struct_ref_seq.pdbx_db_accession 
_struct_ref_seq.db_align_beg 
_struct_ref_seq.pdbx_db_align_beg_ins_code 
_struct_ref_seq.db_align_end 
_struct_ref_seq.pdbx_db_align_end_ins_code 
_struct_ref_seq.pdbx_auth_seq_align_beg 
_struct_ref_seq.pdbx_auth_seq_align_end 
1 1 3KUI A 6 ? 88 ? P11940 544 ? 626 ? 544 626 
2 2 3KUI B 1 ? 15 ? Q96GF2 64  ? 78  ? 67  81  
# 
loop_
_struct_ref_seq_dif.align_id 
_struct_ref_seq_dif.pdbx_pdb_id_code 
_struct_ref_seq_dif.mon_id 
_struct_ref_seq_dif.pdbx_pdb_strand_id 
_struct_ref_seq_dif.seq_num 
_struct_ref_seq_dif.pdbx_pdb_ins_code 
_struct_ref_seq_dif.pdbx_seq_db_name 
_struct_ref_seq_dif.pdbx_seq_db_accession_code 
_struct_ref_seq_dif.db_mon_id 
_struct_ref_seq_dif.pdbx_seq_db_seq_num 
_struct_ref_seq_dif.details 
_struct_ref_seq_dif.pdbx_auth_seq_num 
_struct_ref_seq_dif.pdbx_ordinal 
1 3KUI GLY A 1 ? UNP P11940 ? ? 'expression tag' 539 1 
1 3KUI PRO A 2 ? UNP P11940 ? ? 'expression tag' 540 2 
1 3KUI LEU A 3 ? UNP P11940 ? ? 'expression tag' 541 3 
1 3KUI GLY A 4 ? UNP P11940 ? ? 'expression tag' 542 4 
1 3KUI SER A 5 ? UNP P11940 ? ? 'expression tag' 543 5 
# 
loop_
_chem_comp.id 
_chem_comp.type 
_chem_comp.mon_nstd_flag 
_chem_comp.name 
_chem_comp.pdbx_synonyms 
_chem_comp.formula 
_chem_comp.formula_weight 
ALA 'L-peptide linking' y ALANINE         ? 'C3 H7 N O2'     89.093  
ARG 'L-peptide linking' y ARGININE        ? 'C6 H15 N4 O2 1' 175.209 
ASN 'L-peptide linking' y ASPARAGINE      ? 'C4 H8 N2 O3'    132.118 
ASP 'L-peptide linking' y 'ASPARTIC ACID' ? 'C4 H7 N O4'     133.103 
GLN 'L-peptide linking' y GLUTAMINE       ? 'C5 H10 N2 O3'   146.144 
GLU 'L-peptide linking' y 'GLUTAMIC ACID' ? 'C5 H9 N O4'     147.129 
GLY 'peptide linking'   y GLYCINE         ? 'C2 H5 N O2'     75.067  
HIS 'L-peptide linking' y HISTIDINE       ? 'C6 H10 N3 O2 1' 156.162 
HOH non-polymer         . WATER           ? 'H2 O'           18.015  
ILE 'L-peptide linking' y ISOLEUCINE      ? 'C6 H13 N O2'    131.173 
LEU 'L-peptide linking' y LEUCINE         ? 'C6 H13 N O2'    131.173 
LYS 'L-peptide linking' y LYSINE          ? 'C6 H15 N2 O2 1' 147.195 
MET 'L-peptide linking' y METHIONINE      ? 'C5 H11 N O2 S'  149.211 
PHE 'L-peptide linking' y PHENYLALANINE   ? 'C9 H11 N O2'    165.189 
PRO 'L-peptide linking' y PROLINE         ? 'C5 H9 N O2'     115.130 
SER 'L-peptide linking' y SERINE          ? 'C3 H7 N O3'     105.093 
SO4 non-polymer         . 'SULFATE ION'   ? 'O4 S -2'        96.063  
THR 'L-peptide linking' y THREONINE       ? 'C4 H9 N O3'     119.119 
VAL 'L-peptide linking' y VALINE          ? 'C5 H11 N O2'    117.146 
ZN  non-polymer         . 'ZINC ION'      ? 'Zn 2'           65.409  
# 
_exptl.entry_id          3KUI 
_exptl.method            'X-RAY DIFFRACTION' 
_exptl.crystals_number   1 
# 
_exptl_crystal.id                    1 
_exptl_crystal.density_meas          ? 
_exptl_crystal.density_Matthews      ? 
_exptl_crystal.density_percent_sol   ? 
_exptl_crystal.description           ? 
_exptl_crystal.F_000                 ? 
_exptl_crystal.preparation           ? 
# 
_exptl_crystal_grow.crystal_id      1 
_exptl_crystal_grow.method          'VAPOR DIFFUSION, HANGING DROP' 
_exptl_crystal_grow.temp            295 
_exptl_crystal_grow.temp_details    ? 
_exptl_crystal_grow.pH              5.4 
_exptl_crystal_grow.pdbx_details    
;2.1M ammonium sulfate, 0.2M sodium sulfate, 10mM zinc chloride, 0.1M sodium acetate, pH 5.4, VAPOR DIFFUSION, HANGING DROP, temperature 295K
;
_exptl_crystal_grow.pdbx_pH_range   ? 
# 
_diffrn.id                     1 
_diffrn.ambient_temp           140 
_diffrn.ambient_temp_details   ? 
_diffrn.crystal_id             1 
# 
_diffrn_detector.diffrn_id              1 
_diffrn_detector.detector               'IMAGE PLATE' 
_diffrn_detector.type                   'RIGAKU RAXIS IV++' 
_diffrn_detector.pdbx_collection_date   2009-11-05 
_diffrn_detector.details                mirrors 
# 
_diffrn_radiation.diffrn_id                        1 
_diffrn_radiation.wavelength_id                    1 
_diffrn_radiation.pdbx_monochromatic_or_laue_m_l   M 
_diffrn_radiation.monochromator                    graphite 
_diffrn_radiation.pdbx_diffrn_protocol             'SINGLE WAVELENGTH' 
_diffrn_radiation.pdbx_scattering_type             x-ray 
# 
_diffrn_radiation_wavelength.id           1 
_diffrn_radiation_wavelength.wavelength   1.54178 
_diffrn_radiation_wavelength.wt           1.0 
# 
_diffrn_source.diffrn_id                   1 
_diffrn_source.source                      'ROTATING ANODE' 
_diffrn_source.type                        RIGAKU 
_diffrn_source.pdbx_synchrotron_site       ? 
_diffrn_source.pdbx_synchrotron_beamline   ? 
_diffrn_source.pdbx_wavelength             ? 
_diffrn_source.pdbx_wavelength_list        1.54178 
# 
_reflns.entry_id                     3KUI 
_reflns.observed_criterion_sigma_I   1 
_reflns.observed_criterion_sigma_F   1 
_reflns.d_resolution_low             50 
_reflns.d_resolution_high            2.30 
_reflns.number_obs                   3559 
_reflns.number_all                   3570 
_reflns.percent_possible_obs         99.7 
_reflns.pdbx_Rmerge_I_obs            0.094 
_reflns.pdbx_Rsym_value              ? 
_reflns.pdbx_netI_over_sigmaI        19.3 
_reflns.B_iso_Wilson_estimate        ? 
_reflns.pdbx_redundancy              7.0 
_reflns.R_free_details               ? 
_reflns.limit_h_max                  ? 
_reflns.limit_h_min                  ? 
_reflns.limit_k_max                  ? 
_reflns.limit_k_min                  ? 
_reflns.limit_l_max                  ? 
_reflns.limit_l_min                  ? 
_reflns.observed_criterion_F_max     ? 
_reflns.observed_criterion_F_min     ? 
_reflns.pdbx_chi_squared             ? 
_reflns.pdbx_scaling_rejects         ? 
_reflns.pdbx_diffrn_id               1 
_reflns.pdbx_ordinal                 1 
# 
_reflns_shell.d_res_high             2.30 
_reflns_shell.d_res_low              2.34 
_reflns_shell.percent_possible_all   98.8 
_reflns_shell.Rmerge_I_obs           0.415 
_reflns_shell.pdbx_Rsym_value        ? 
_reflns_shell.meanI_over_sigI_obs    3.8 
_reflns_shell.pdbx_redundancy        5.8 
_reflns_shell.percent_possible_obs   ? 
_reflns_shell.number_unique_all      235 
_reflns_shell.number_measured_all    ? 
_reflns_shell.number_measured_obs    ? 
_reflns_shell.number_unique_obs      ? 
_reflns_shell.pdbx_chi_squared       ? 
_reflns_shell.pdbx_diffrn_id         ? 
_reflns_shell.pdbx_ordinal           1 
# 
_refine.entry_id                                 3KUI 
_refine.ls_number_reflns_obs                     3559 
_refine.ls_number_reflns_all                     3570 
_refine.pdbx_ls_sigma_I                          ? 
_refine.pdbx_ls_sigma_F                          1 
_refine.pdbx_data_cutoff_high_absF               ? 
_refine.pdbx_data_cutoff_low_absF                ? 
_refine.pdbx_data_cutoff_high_rms_absF           ? 
_refine.ls_d_res_low                             50 
_refine.ls_d_res_high                            2.30 
_refine.ls_percent_reflns_obs                    98.8 
_refine.ls_R_factor_obs                          0.248 
_refine.ls_R_factor_all                          ? 
_refine.ls_R_factor_R_work                       0.247 
_refine.ls_R_factor_R_free                       0.255 
_refine.ls_R_factor_R_free_error                 ? 
_refine.ls_R_factor_R_free_error_details         ? 
_refine.ls_percent_reflns_R_free                 ? 
_refine.ls_number_reflns_R_free                  191 
_refine.ls_number_parameters                     ? 
_refine.ls_number_restraints                     ? 
_refine.occupancy_min                            ? 
_refine.occupancy_max                            ? 
_refine.correlation_coeff_Fo_to_Fc               ? 
_refine.correlation_coeff_Fo_to_Fc_free          ? 
_refine.B_iso_mean                               46.44 
_refine.aniso_B[1][1]                            ? 
_refine.aniso_B[2][2]                            ? 
_refine.aniso_B[3][3]                            ? 
_refine.aniso_B[1][2]                            ? 
_refine.aniso_B[1][3]                            ? 
_refine.aniso_B[2][3]                            ? 
_refine.solvent_model_details                    ? 
_refine.solvent_model_param_ksol                 ? 
_refine.solvent_model_param_bsol                 ? 
_refine.pdbx_solvent_vdw_probe_radii             ? 
_refine.pdbx_solvent_ion_probe_radii             ? 
_refine.pdbx_solvent_shrinkage_radii             ? 
_refine.pdbx_ls_cross_valid_method               THROUGHOUT 
_refine.details                                  ? 
_refine.pdbx_starting_model                      'pdb entry 1I2T' 
_refine.pdbx_method_to_determine_struct          'MOLECULAR REPLACEMENT' 
_refine.pdbx_isotropic_thermal_model             ? 
_refine.pdbx_stereochemistry_target_values       'MAXIMUM LIKELIHOOD' 
_refine.pdbx_stereochem_target_val_spec_case     ? 
_refine.pdbx_R_Free_selection_details            RANDOM 
_refine.pdbx_overall_ESU_R                       ? 
_refine.pdbx_overall_ESU_R_Free                  ? 
_refine.overall_SU_ML                            ? 
_refine.overall_SU_B                             ? 
_refine.ls_redundancy_reflns_obs                 ? 
_refine.B_iso_min                                ? 
_refine.B_iso_max                                ? 
_refine.overall_SU_R_Cruickshank_DPI             ? 
_refine.overall_SU_R_free                        ? 
_refine.ls_wR_factor_R_free                      ? 
_refine.ls_wR_factor_R_work                      ? 
_refine.overall_FOM_free_R_set                   ? 
_refine.overall_FOM_work_R_set                   ? 
_refine.pdbx_overall_phase_error                 ? 
_refine.pdbx_refine_id                           'X-RAY DIFFRACTION' 
_refine.pdbx_diffrn_id                           1 
_refine.pdbx_TLS_residual_ADP_flag               ? 
_refine.pdbx_overall_SU_R_free_Cruickshank_DPI   ? 
_refine.pdbx_overall_SU_R_Blow_DPI               ? 
_refine.pdbx_overall_SU_R_free_Blow_DPI          ? 
# 
_refine_hist.pdbx_refine_id                   'X-RAY DIFFRACTION' 
_refine_hist.cycle_id                         LAST 
_refine_hist.pdbx_number_atoms_protein        707 
_refine_hist.pdbx_number_atoms_nucleic_acid   0 
_refine_hist.pdbx_number_atoms_ligand         6 
_refine_hist.number_atoms_solvent             16 
_refine_hist.number_atoms_total               729 
_refine_hist.d_res_high                       2.30 
_refine_hist.d_res_low                        50 
# 
loop_
_refine_ls_restr.type 
_refine_ls_restr.dev_ideal 
_refine_ls_restr.dev_ideal_target 
_refine_ls_restr.weight 
_refine_ls_restr.number 
_refine_ls_restr.pdbx_refine_id 
_refine_ls_restr.pdbx_restraint_function 
c_bond_d    0.007148 ? ? ? 'X-RAY DIFFRACTION' ? 
c_angle_deg 1.15299  ? ? ? 'X-RAY DIFFRACTION' ? 
# 
_refine_ls_shell.pdbx_total_number_of_bins_used   ? 
_refine_ls_shell.d_res_high                       2.30 
_refine_ls_shell.d_res_low                        2.34 
_refine_ls_shell.number_reflns_R_work             ? 
_refine_ls_shell.R_factor_R_work                  ? 
_refine_ls_shell.percent_reflns_obs               98.8 
_refine_ls_shell.R_factor_R_free                  ? 
_refine_ls_shell.R_factor_R_free_error            ? 
_refine_ls_shell.percent_reflns_R_free            ? 
_refine_ls_shell.number_reflns_R_free             17 
_refine_ls_shell.number_reflns_all                ? 
_refine_ls_shell.R_factor_all                     ? 
_refine_ls_shell.number_reflns_obs                424 
_refine_ls_shell.redundancy_reflns_obs            ? 
_refine_ls_shell.pdbx_refine_id                   'X-RAY DIFFRACTION' 
# 
_struct.entry_id                  3KUI 
_struct.title                     'Crystal structure of C-terminal domain of PABPC1 in complex with binding region of eRF3a' 
_struct.pdbx_model_details        ? 
_struct.pdbx_CASP_flag            N 
_struct.pdbx_model_type_details   ? 
# 
_struct_keywords.entry_id        3KUI 
_struct_keywords.pdbx_keywords   'PROTEIN BINDING' 
_struct_keywords.text            
;protein-protein complex, Acetylation, Alternative splicing, Cytoplasm, Methylation, mRNA processing, mRNA splicing, Nucleus, Phosphoprotein, RNA-binding, Spliceosome, GTP-binding, Nucleotide-binding, PROTEIN BINDING
;
# 
loop_
_struct_asym.id 
_struct_asym.pdbx_blank_PDB_chainid_flag 
_struct_asym.pdbx_modified 
_struct_asym.entity_id 
_struct_asym.details 
A N N 1 ? 
B N N 2 ? 
C N N 3 ? 
D N N 4 ? 
E N N 5 ? 
F N N 5 ? 
# 
_struct_biol.id        1 
_struct_biol.details   ? 
# 
loop_
_struct_conf.conf_type_id 
_struct_conf.id 
_struct_conf.pdbx_PDB_helix_id 
_struct_conf.beg_label_comp_id 
_struct_conf.beg_label_asym_id 
_struct_conf.beg_label_seq_id 
_struct_conf.pdbx_beg_PDB_ins_code 
_struct_conf.end_label_comp_id 
_struct_conf.end_label_asym_id 
_struct_conf.end_label_seq_id 
_struct_conf.pdbx_end_PDB_ins_code 
_struct_conf.beg_auth_comp_id 
_struct_conf.beg_auth_asym_id 
_struct_conf.beg_auth_seq_id 
_struct_conf.end_auth_comp_id 
_struct_conf.end_auth_asym_id 
_struct_conf.end_auth_seq_id 
_struct_conf.pdbx_PDB_helix_class 
_struct_conf.details 
_struct_conf.pdbx_PDB_helix_length 
HELX_P HELX_P1 1 THR A 8  ? ALA A 15 ? THR A 546 ALA A 553 1 ? 8  
HELX_P HELX_P2 2 PRO A 16 ? HIS A 36 ? PRO A 554 HIS A 574 1 ? 21 
HELX_P HELX_P3 3 LEU A 39 ? LEU A 48 ? LEU A 577 LEU A 586 1 ? 10 
HELX_P HELX_P4 4 ASP A 51 ? LEU A 59 ? ASP A 589 LEU A 597 1 ? 9  
HELX_P HELX_P5 5 SER A 61 ? GLN A 86 ? SER A 599 GLN A 624 1 ? 26 
# 
_struct_conf_type.id          HELX_P 
_struct_conf_type.criteria    ? 
_struct_conf_type.reference   ? 
# 
loop_
_struct_site.id 
_struct_site.pdbx_evidence_code 
_struct_site.pdbx_auth_asym_id 
_struct_site.pdbx_auth_comp_id 
_struct_site.pdbx_auth_seq_id 
_struct_site.pdbx_auth_ins_code 
_struct_site.pdbx_num_residues 
_struct_site.details 
AC1 Software A ZN  1   ? 2 'BINDING SITE FOR RESIDUE ZN A 1'    
AC2 Software A SO4 627 ? 6 'BINDING SITE FOR RESIDUE SO4 A 627' 
# 
loop_
_struct_site_gen.id 
_struct_site_gen.site_id 
_struct_site_gen.pdbx_num_res 
_struct_site_gen.label_comp_id 
_struct_site_gen.label_asym_id 
_struct_site_gen.label_seq_id 
_struct_site_gen.pdbx_auth_ins_code 
_struct_site_gen.auth_comp_id 
_struct_site_gen.auth_asym_id 
_struct_site_gen.auth_seq_id 
_struct_site_gen.label_atom_id 
_struct_site_gen.label_alt_id 
_struct_site_gen.symmetry 
_struct_site_gen.details 
1 AC1 2 GLU A 19 ? GLU A 557 . ? 1_554 ? 
2 AC1 2 HIS A 79 ? HIS A 617 . ? 1_555 ? 
3 AC2 6 HIS A 36 ? HIS A 574 . ? 1_555 ? 
4 AC2 6 PRO A 37 ? PRO A 575 . ? 1_555 ? 
5 AC2 6 THR A 38 ? THR A 576 . ? 1_555 ? 
6 AC2 6 LEU A 39 ? LEU A 577 . ? 1_555 ? 
7 AC2 6 GLU A 63 ? GLU A 601 . ? 2_655 ? 
8 AC2 6 ARG A 66 ? ARG A 604 . ? 2_655 ? 
# 
_atom_sites.entry_id                    3KUI 
_atom_sites.fract_transf_matrix[1][1]   0.01324139 
_atom_sites.fract_transf_matrix[1][2]   -0.02161717 
_atom_sites.fract_transf_matrix[1][3]   0.00842940 
_atom_sites.fract_transf_matrix[2][1]   0.00998267 
_atom_sites.fract_transf_matrix[2][2]   0.00920168 
_atom_sites.fract_transf_matrix[2][3]   0.00791632 
_atom_sites.fract_transf_matrix[3][1]   -0.01838070 
_atom_sites.fract_transf_matrix[3][2]   -0.00152808 
_atom_sites.fract_transf_matrix[3][3]   0.02495471 
_atom_sites.fract_transf_vector[1]      0.267458 
_atom_sites.fract_transf_vector[2]      0.148884 
_atom_sites.fract_transf_vector[3]      0.484831 
# 
loop_
_atom_type.symbol 
C  
N  
O  
S  
ZN 
# 
loop_
_atom_site.group_PDB 
_atom_site.id 
_atom_site.type_symbol 
_atom_site.label_atom_id 
_atom_site.label_alt_id 
_atom_site.label_comp_id 
_atom_site.label_asym_id 
_atom_site.label_entity_id 
_atom_site.label_seq_id 
_atom_site.pdbx_PDB_ins_code 
_atom_site.Cartn_x 
_atom_site.Cartn_y 
_atom_site.Cartn_z 
_atom_site.occupancy 
_atom_site.B_iso_or_equiv 
_atom_site.pdbx_formal_charge 
_atom_site.auth_seq_id 
_atom_site.auth_comp_id 
_atom_site.auth_asym_id 
_atom_site.auth_atom_id 
_atom_site.pdbx_PDB_model_num 
ATOM   1   N  N   . LEU A 1 7  ? -13.968 -5.853  7.301   1.00 62.57 ? 545 LEU A N   1 
ATOM   2   C  CA  . LEU A 1 7  ? -13.846 -4.369  7.413   1.00 62.95 ? 545 LEU A CA  1 
ATOM   3   C  C   . LEU A 1 7  ? -14.977 -3.672  6.635   1.00 62.78 ? 545 LEU A C   1 
ATOM   4   O  O   . LEU A 1 7  ? -15.205 -3.961  5.461   1.00 62.04 ? 545 LEU A O   1 
ATOM   5   C  CB  . LEU A 1 7  ? -12.478 -3.928  6.873   1.00 63.10 ? 545 LEU A CB  1 
ATOM   6   C  CG  . LEU A 1 7  ? -11.829 -2.626  7.367   1.00 62.55 ? 545 LEU A CG  1 
ATOM   7   C  CD1 . LEU A 1 7  ? -12.743 -1.441  7.094   1.00 63.23 ? 545 LEU A CD1 1 
ATOM   8   C  CD2 . LEU A 1 7  ? -11.527 -2.739  8.851   1.00 63.26 ? 545 LEU A CD2 1 
ATOM   9   N  N   . THR A 1 8  ? -15.684 -2.762  7.303   1.00 63.53 ? 546 THR A N   1 
ATOM   10  C  CA  . THR A 1 8  ? -16.788 -2.021  6.684   1.00 63.68 ? 546 THR A CA  1 
ATOM   11  C  C   . THR A 1 8  ? -16.468 -0.537  6.677   1.00 64.21 ? 546 THR A C   1 
ATOM   12  O  O   . THR A 1 8  ? -15.655 -0.066  7.475   1.00 64.09 ? 546 THR A O   1 
ATOM   13  C  CB  . THR A 1 8  ? -18.098 -2.189  7.466   1.00 63.53 ? 546 THR A CB  1 
ATOM   14  O  OG1 . THR A 1 8  ? -18.001 -1.495  8.719   1.00 62.40 ? 546 THR A OG1 1 
ATOM   15  C  CG2 . THR A 1 8  ? -18.373 -3.656  7.726   1.00 63.74 ? 546 THR A CG2 1 
ATOM   16  N  N   . ALA A 1 9  ? -17.126 0.202   5.789   1.00 64.90 ? 547 ALA A N   1 
ATOM   17  C  CA  . ALA A 1 9  ? -16.912 1.644   5.695   1.00 65.49 ? 547 ALA A CA  1 
ATOM   18  C  C   . ALA A 1 9  ? -17.336 2.342   6.992   1.00 65.52 ? 547 ALA A C   1 
ATOM   19  O  O   . ALA A 1 9  ? -16.858 3.437   7.312   1.00 65.52 ? 547 ALA A O   1 
ATOM   20  C  CB  . ALA A 1 9  ? -17.690 2.214   4.507   1.00 66.01 ? 547 ALA A CB  1 
ATOM   21  N  N   . SER A 1 10 ? -18.232 1.697   7.734   1.00 65.10 ? 548 SER A N   1 
ATOM   22  C  CA  . SER A 1 10 ? -18.723 2.236   8.996   1.00 65.18 ? 548 SER A CA  1 
ATOM   23  C  C   . SER A 1 10 ? -17.605 2.223   10.028  1.00 65.31 ? 548 SER A C   1 
ATOM   24  O  O   . SER A 1 10 ? -17.374 3.212   10.722  1.00 64.48 ? 548 SER A O   1 
ATOM   25  C  CB  . SER A 1 10 ? -19.894 1.394   9.499   1.00 65.50 ? 548 SER A CB  1 
ATOM   26  O  OG  . SER A 1 10 ? -20.885 1.275   8.494   1.00 66.54 ? 548 SER A OG  1 
ATOM   27  N  N   . MET A 1 11 ? -16.921 1.088   10.124  1.00 65.10 ? 549 MET A N   1 
ATOM   28  C  CA  . MET A 1 11 ? -15.819 0.939   11.054  1.00 64.83 ? 549 MET A CA  1 
ATOM   29  C  C   . MET A 1 11 ? -14.769 2.002   10.773  1.00 64.57 ? 549 MET A C   1 
ATOM   30  O  O   . MET A 1 11 ? -14.101 2.485   11.691  1.00 64.81 ? 549 MET A O   1 
ATOM   31  C  CB  . MET A 1 11 ? -15.194 -0.442  10.906  1.00 65.51 ? 549 MET A CB  1 
ATOM   32  C  CG  . MET A 1 11 ? -16.103 -1.567  11.327  1.00 67.52 ? 549 MET A CG  1 
ATOM   33  S  SD  . MET A 1 11 ? -15.398 -3.164  10.899  1.00 70.23 ? 549 MET A SD  1 
ATOM   34  C  CE  . MET A 1 11 ? -14.069 -3.276  12.051  1.00 68.01 ? 549 MET A CE  1 
ATOM   35  N  N   . LEU A 1 12 ? -14.626 2.370   9.504   1.00 63.49 ? 550 LEU A N   1 
ATOM   36  C  CA  . LEU A 1 12 ? -13.644 3.375   9.115   1.00 62.90 ? 550 LEU A CA  1 
ATOM   37  C  C   . LEU A 1 12 ? -13.972 4.803   9.534   1.00 63.05 ? 550 LEU A C   1 
ATOM   38  O  O   . LEU A 1 12 ? -13.085 5.537   9.980   1.00 62.72 ? 550 LEU A O   1 
ATOM   39  C  CB  . LEU A 1 12 ? -13.414 3.332   7.612   1.00 62.00 ? 550 LEU A CB  1 
ATOM   40  C  CG  . LEU A 1 12 ? -12.428 2.246   7.202   1.00 61.59 ? 550 LEU A CG  1 
ATOM   41  C  CD1 . LEU A 1 12 ? -12.306 2.225   5.689   1.00 60.27 ? 550 LEU A CD1 1 
ATOM   42  C  CD2 . LEU A 1 12 ? -11.070 2.513   7.868   1.00 60.28 ? 550 LEU A CD2 1 
ATOM   43  N  N   . ALA A 1 13 ? -15.230 5.205   9.388   1.00 62.33 ? 551 ALA A N   1 
ATOM   44  C  CA  . ALA A 1 13 ? -15.626 6.556   9.776   1.00 62.28 ? 551 ALA A CA  1 
ATOM   45  C  C   . ALA A 1 13 ? -15.535 6.698   11.299  1.00 62.26 ? 551 ALA A C   1 
ATOM   46  O  O   . ALA A 1 13 ? -15.289 7.785   11.826  1.00 61.29 ? 551 ALA A O   1 
ATOM   47  C  CB  . ALA A 1 13 ? -17.047 6.847   9.296   1.00 62.00 ? 551 ALA A CB  1 
ATOM   48  N  N   . SER A 1 14 ? -15.713 5.577   11.995  1.00 62.09 ? 552 SER A N   1 
ATOM   49  C  CA  . SER A 1 14 ? -15.664 5.540   13.451  1.00 62.63 ? 552 SER A CA  1 
ATOM   50  C  C   . SER A 1 14 ? -14.308 5.965   14.021  1.00 62.65 ? 552 SER A C   1 
ATOM   51  O  O   . SER A 1 14 ? -14.234 6.511   15.121  1.00 63.82 ? 552 SER A O   1 
ATOM   52  C  CB  . SER A 1 14 ? -16.012 4.133   13.939  1.00 62.86 ? 552 SER A CB  1 
ATOM   53  O  OG  . SER A 1 14 ? -17.275 3.722   13.434  1.00 63.29 ? 552 SER A OG  1 
ATOM   54  N  N   . ALA A 1 15 ? -13.240 5.718   13.269  1.00 61.58 ? 553 ALA A N   1 
ATOM   55  C  CA  . ALA A 1 15 ? -11.898 6.074   13.703  1.00 60.65 ? 553 ALA A CA  1 
ATOM   56  C  C   . ALA A 1 15 ? -11.411 7.363   13.033  1.00 60.70 ? 553 ALA A C   1 
ATOM   57  O  O   . ALA A 1 15 ? -12.044 7.876   12.109  1.00 60.41 ? 553 ALA A O   1 
ATOM   58  C  CB  . ALA A 1 15 ? -10.942 4.929   13.390  1.00 60.23 ? 553 ALA A CB  1 
ATOM   59  N  N   . PRO A 1 16 ? -10.288 7.917   13.516  1.00 60.34 ? 554 PRO A N   1 
ATOM   60  C  CA  . PRO A 1 16 ? -9.723  9.144   12.952  1.00 59.41 ? 554 PRO A CA  1 
ATOM   61  C  C   . PRO A 1 16 ? -8.731  8.796   11.842  1.00 59.01 ? 554 PRO A C   1 
ATOM   62  O  O   . PRO A 1 16 ? -8.231  7.674   11.773  1.00 58.40 ? 554 PRO A O   1 
ATOM   63  C  CB  . PRO A 1 16 ? -9.052  9.785   14.155  1.00 59.82 ? 554 PRO A CB  1 
ATOM   64  C  CG  . PRO A 1 16 ? -8.496  8.595   14.867  1.00 60.84 ? 554 PRO A CG  1 
ATOM   65  C  CD  . PRO A 1 16 ? -9.640  7.593   14.802  1.00 61.17 ? 554 PRO A CD  1 
ATOM   66  N  N   . PRO A 1 17 ? -8.405  9.770   10.987  1.00 59.65 ? 555 PRO A N   1 
ATOM   67  C  CA  . PRO A 1 17 ? -7.480  9.607   9.860   1.00 59.40 ? 555 PRO A CA  1 
ATOM   68  C  C   . PRO A 1 17 ? -6.291  8.671   10.068  1.00 59.20 ? 555 PRO A C   1 
ATOM   69  O  O   . PRO A 1 17 ? -6.278  7.545   9.565   1.00 59.22 ? 555 PRO A O   1 
ATOM   70  C  CB  . PRO A 1 17 ? -7.043  11.040  9.567   1.00 59.70 ? 555 PRO A CB  1 
ATOM   71  C  CG  . PRO A 1 17 ? -7.189  11.715  10.896  1.00 59.87 ? 555 PRO A CG  1 
ATOM   72  C  CD  . PRO A 1 17 ? -8.520  11.192  11.339  1.00 60.16 ? 555 PRO A CD  1 
ATOM   73  N  N   . GLN A 1 18 ? -5.288  9.139   10.797  1.00 58.47 ? 556 GLN A N   1 
ATOM   74  C  CA  . GLN A 1 18 ? -4.098  8.336   11.040  1.00 59.44 ? 556 GLN A CA  1 
ATOM   75  C  C   . GLN A 1 18 ? -4.407  6.854   11.300  1.00 58.44 ? 556 GLN A C   1 
ATOM   76  O  O   . GLN A 1 18 ? -3.791  5.962   10.704  1.00 57.79 ? 556 GLN A O   1 
ATOM   77  C  CB  . GLN A 1 18 ? -3.309  8.935   12.213  1.00 61.70 ? 556 GLN A CB  1 
ATOM   78  C  CG  . GLN A 1 18 ? -2.186  8.054   12.779  1.00 66.75 ? 556 GLN A CG  1 
ATOM   79  C  CD  . GLN A 1 18 ? -1.045  7.804   11.802  1.00 70.32 ? 556 GLN A CD  1 
ATOM   80  O  OE1 . GLN A 1 18 ? -0.023  7.205   12.161  1.00 69.99 ? 556 GLN A OE1 1 
ATOM   81  N  NE2 . GLN A 1 18 ? -1.213  8.257   10.563  1.00 73.40 ? 556 GLN A NE2 1 
ATOM   82  N  N   . GLU A 1 19 ? -5.379  6.607   12.173  1.00 56.43 ? 557 GLU A N   1 
ATOM   83  C  CA  . GLU A 1 19 ? -5.759  5.251   12.547  1.00 53.28 ? 557 GLU A CA  1 
ATOM   84  C  C   . GLU A 1 19 ? -6.554  4.497   11.480  1.00 50.80 ? 557 GLU A C   1 
ATOM   85  O  O   . GLU A 1 19 ? -6.638  3.273   11.520  1.00 51.11 ? 557 GLU A O   1 
ATOM   86  C  CB  . GLU A 1 19 ? -6.538  5.297   13.869  1.00 53.07 ? 557 GLU A CB  1 
ATOM   87  C  CG  . GLU A 1 19 ? -5.939  6.289   14.861  1.00 53.68 ? 557 GLU A CG  1 
ATOM   88  C  CD  . GLU A 1 19 ? -6.397  6.085   16.293  1.00 54.28 ? 557 GLU A CD  1 
ATOM   89  O  OE1 . GLU A 1 19 ? -7.621  5.992   16.543  1.00 52.52 ? 557 GLU A OE1 1 
ATOM   90  O  OE2 . GLU A 1 19 ? -5.517  6.034   17.178  1.00 55.97 ? 557 GLU A OE2 1 
ATOM   91  N  N   . GLN A 1 20 ? -7.144  5.218   10.535  1.00 48.98 ? 558 GLN A N   1 
ATOM   92  C  CA  . GLN A 1 20 ? -7.912  4.576   9.468   1.00 46.27 ? 558 GLN A CA  1 
ATOM   93  C  C   . GLN A 1 20 ? -6.992  3.831   8.514   1.00 43.24 ? 558 GLN A C   1 
ATOM   94  O  O   . GLN A 1 20 ? -7.365  2.808   7.954   1.00 39.99 ? 558 GLN A O   1 
ATOM   95  C  CB  . GLN A 1 20 ? -8.705  5.613   8.683   1.00 46.30 ? 558 GLN A CB  1 
ATOM   96  C  CG  . GLN A 1 20 ? -9.923  6.121   9.400   1.00 49.69 ? 558 GLN A CG  1 
ATOM   97  C  CD  . GLN A 1 20 ? -10.627 7.193   8.611   1.00 50.74 ? 558 GLN A CD  1 
ATOM   98  O  OE1 . GLN A 1 20 ? -10.119 8.307   8.464   1.00 53.67 ? 558 GLN A OE1 1 
ATOM   99  N  NE2 . GLN A 1 20 ? -11.797 6.862   8.078   1.00 50.20 ? 558 GLN A NE2 1 
ATOM   100 N  N   . LYS A 1 21 ? -5.796  4.372   8.315   1.00 42.71 ? 559 LYS A N   1 
ATOM   101 C  CA  . LYS A 1 21 ? -4.811  3.744   7.448   1.00 42.93 ? 559 LYS A CA  1 
ATOM   102 C  C   . LYS A 1 21 ? -4.313  2.473   8.134   1.00 42.55 ? 559 LYS A C   1 
ATOM   103 O  O   . LYS A 1 21 ? -4.135  1.440   7.498   1.00 43.13 ? 559 LYS A O   1 
ATOM   104 C  CB  . LYS A 1 21 ? -3.633  4.685   7.209   1.00 43.10 ? 559 LYS A CB  1 
ATOM   105 C  CG  . LYS A 1 21 ? -3.984  5.994   6.542   1.00 41.69 ? 559 LYS A CG  1 
ATOM   106 C  CD  . LYS A 1 21 ? -4.595  5.792   5.160   1.00 40.95 ? 559 LYS A CD  1 
ATOM   107 C  CE  . LYS A 1 21 ? -4.724  7.139   4.463   1.00 40.10 ? 559 LYS A CE  1 
ATOM   108 N  NZ  . LYS A 1 21 ? -5.564  7.107   3.255   1.00 40.82 ? 559 LYS A NZ  1 
ATOM   109 N  N   . GLN A 1 22 ? -4.091  2.557   9.440   1.00 42.57 ? 560 GLN A N   1 
ATOM   110 C  CA  . GLN A 1 22 ? -3.629  1.414   10.206  1.00 42.76 ? 560 GLN A CA  1 
ATOM   111 C  C   . GLN A 1 22 ? -4.641  0.272   10.072  1.00 42.75 ? 560 GLN A C   1 
ATOM   112 O  O   . GLN A 1 22 ? -4.278  -0.897  9.898   1.00 42.23 ? 560 GLN A O   1 
ATOM   113 C  CB  . GLN A 1 22 ? -3.493  1.802   11.671  1.00 43.55 ? 560 GLN A CB  1 
ATOM   114 C  CG  . GLN A 1 22 ? -2.638  0.851   12.472  1.00 45.54 ? 560 GLN A CG  1 
ATOM   115 C  CD  . GLN A 1 22 ? -1.207  0.855   12.001  1.00 46.76 ? 560 GLN A CD  1 
ATOM   116 O  OE1 . GLN A 1 22 ? -0.642  1.915   11.724  1.00 48.64 ? 560 GLN A OE1 1 
ATOM   117 N  NE2 . GLN A 1 22 ? -0.603  -0.323  11.916  1.00 47.21 ? 560 GLN A NE2 1 
ATOM   118 N  N   . MET A 1 23 ? -5.916  0.634   10.155  1.00 41.23 ? 561 MET A N   1 
ATOM   119 C  CA  . MET A 1 23 ? -7.014  -0.317  10.061  1.00 43.23 ? 561 MET A CA  1 
ATOM   120 C  C   . MET A 1 23 ? -7.025  -0.976  8.693   1.00 41.64 ? 561 MET A C   1 
ATOM   121 O  O   . MET A 1 23 ? -7.187  -2.188  8.583   1.00 43.99 ? 561 MET A O   1 
ATOM   122 C  CB  . MET A 1 23 ? -8.334  0.409   10.289  1.00 44.15 ? 561 MET A CB  1 
ATOM   123 C  CG  . MET A 1 23 ? -9.460  -0.465  10.764  1.00 45.61 ? 561 MET A CG  1 
ATOM   124 S  SD  . MET A 1 23 ? -10.881 0.572   11.145  1.00 50.99 ? 561 MET A SD  1 
ATOM   125 C  CE  . MET A 1 23 ? -10.108 1.866   12.079  1.00 46.60 ? 561 MET A CE  1 
ATOM   126 N  N   . LEU A 1 24 ? -6.839  -0.159  7.663   1.00 40.71 ? 562 LEU A N   1 
ATOM   127 C  CA  . LEU A 1 24 ? -6.810  -0.609  6.273   1.00 39.54 ? 562 LEU A CA  1 
ATOM   128 C  C   . LEU A 1 24 ? -5.556  -1.407  5.943   1.00 37.64 ? 562 LEU A C   1 
ATOM   129 O  O   . LEU A 1 24 ? -5.617  -2.386  5.204   1.00 38.06 ? 562 LEU A O   1 
ATOM   130 C  CB  . LEU A 1 24 ? -6.909  0.602   5.338   1.00 38.60 ? 562 LEU A CB  1 
ATOM   131 C  CG  . LEU A 1 24 ? -8.269  0.828   4.675   1.00 39.43 ? 562 LEU A CG  1 
ATOM   132 C  CD1 . LEU A 1 24 ? -9.370  0.452   5.629   1.00 40.87 ? 562 LEU A CD1 1 
ATOM   133 C  CD2 . LEU A 1 24 ? -8.400  2.277   4.223   1.00 36.94 ? 562 LEU A CD2 1 
ATOM   134 N  N   . GLY A 1 25 ? -4.425  -0.976  6.483   1.00 36.23 ? 563 GLY A N   1 
ATOM   135 C  CA  . GLY A 1 25 ? -3.180  -1.675  6.240   1.00 37.86 ? 563 GLY A CA  1 
ATOM   136 C  C   . GLY A 1 25 ? -3.215  -3.109  6.743   1.00 37.97 ? 563 GLY A C   1 
ATOM   137 O  O   . GLY A 1 25 ? -2.613  -3.992  6.147   1.00 38.86 ? 563 GLY A O   1 
ATOM   138 N  N   . GLU A 1 26 ? -3.918  -3.344  7.843   1.00 39.24 ? 564 GLU A N   1 
ATOM   139 C  CA  . GLU A 1 26 ? -4.018  -4.684  8.409   1.00 40.48 ? 564 GLU A CA  1 
ATOM   140 C  C   . GLU A 1 26 ? -4.720  -5.650  7.456   1.00 39.69 ? 564 GLU A C   1 
ATOM   141 O  O   . GLU A 1 26 ? -4.402  -6.838  7.401   1.00 37.14 ? 564 GLU A O   1 
ATOM   142 C  CB  . GLU A 1 26 ? -4.795  -4.649  9.726   1.00 41.72 ? 564 GLU A CB  1 
ATOM   143 C  CG  . GLU A 1 26 ? -4.062  -4.018  10.896  1.00 45.82 ? 564 GLU A CG  1 
ATOM   144 C  CD  . GLU A 1 26 ? -2.773  -4.741  11.254  1.00 46.86 ? 564 GLU A CD  1 
ATOM   145 O  OE1 . GLU A 1 26 ? -2.691  -5.971  11.054  1.00 46.53 ? 564 GLU A OE1 1 
ATOM   146 O  OE2 . GLU A 1 26 ? -1.844  -4.073  11.754  1.00 49.69 ? 564 GLU A OE2 1 
ATOM   147 N  N   . ARG A 1 27 ? -5.677  -5.127  6.702   1.00 39.51 ? 565 ARG A N   1 
ATOM   148 C  CA  . ARG A 1 27 ? -6.446  -5.941  5.775   1.00 39.81 ? 565 ARG A CA  1 
ATOM   149 C  C   . ARG A 1 27 ? -5.693  -6.107  4.465   1.00 38.04 ? 565 ARG A C   1 
ATOM   150 O  O   . ARG A 1 27 ? -5.818  -7.121  3.791   1.00 37.69 ? 565 ARG A O   1 
ATOM   151 C  CB  . ARG A 1 27 ? -7.803  -5.276  5.508   1.00 43.42 ? 565 ARG A CB  1 
ATOM   152 C  CG  . ARG A 1 27 ? -8.464  -4.652  6.739   1.00 47.83 ? 565 ARG A CG  1 
ATOM   153 C  CD  . ARG A 1 27 ? -9.253  -5.663  7.558   1.00 53.47 ? 565 ARG A CD  1 
ATOM   154 N  NE  . ARG A 1 27 ? -9.622  -5.131  8.872   1.00 55.68 ? 565 ARG A NE  1 
ATOM   155 C  CZ  . ARG A 1 27 ? -10.496 -5.707  9.692   1.00 57.60 ? 565 ARG A CZ  1 
ATOM   156 N  NH1 . ARG A 1 27 ? -11.103 -6.835  9.332   1.00 58.74 ? 565 ARG A NH1 1 
ATOM   157 N  NH2 . ARG A 1 27 ? -10.762 -5.161  10.876  1.00 56.32 ? 565 ARG A NH2 1 
ATOM   158 N  N   . LEU A 1 28 ? -4.894  -5.104  4.124   1.00 36.13 ? 566 LEU A N   1 
ATOM   159 C  CA  . LEU A 1 28 ? -4.132  -5.091  2.882   1.00 33.95 ? 566 LEU A CA  1 
ATOM   160 C  C   . LEU A 1 28 ? -2.812  -5.847  2.927   1.00 33.86 ? 566 LEU A C   1 
ATOM   161 O  O   . LEU A 1 28 ? -2.403  -6.482  1.959   1.00 31.39 ? 566 LEU A O   1 
ATOM   162 C  CB  . LEU A 1 28 ? -3.856  -3.642  2.483   1.00 33.55 ? 566 LEU A CB  1 
ATOM   163 C  CG  . LEU A 1 28 ? -5.054  -2.862  1.941   1.00 35.10 ? 566 LEU A CG  1 
ATOM   164 C  CD1 . LEU A 1 28 ? -4.688  -1.397  1.847   1.00 35.43 ? 566 LEU A CD1 1 
ATOM   165 C  CD2 . LEU A 1 28 ? -5.471  -3.426  0.560   1.00 32.68 ? 566 LEU A CD2 1 
ATOM   166 N  N   . PHE A 1 29 ? -2.146  -5.771  4.064   1.00 33.07 ? 567 PHE A N   1 
ATOM   167 C  CA  . PHE A 1 29 ? -0.861  -6.414  4.208   1.00 34.21 ? 567 PHE A CA  1 
ATOM   168 C  C   . PHE A 1 29 ? -0.770  -7.895  3.818   1.00 34.10 ? 567 PHE A C   1 
ATOM   169 O  O   . PHE A 1 29 ? 0.065   -8.272  2.998   1.00 34.28 ? 567 PHE A O   1 
ATOM   170 C  CB  . PHE A 1 29 ? -0.349  -6.233  5.636   1.00 31.70 ? 567 PHE A CB  1 
ATOM   171 C  CG  . PHE A 1 29 ? 1.015   -6.751  5.828   1.00 28.13 ? 567 PHE A CG  1 
ATOM   172 C  CD1 . PHE A 1 29 ? 2.102   -6.053  5.331   1.00 28.14 ? 567 PHE A CD1 1 
ATOM   173 C  CD2 . PHE A 1 29 ? 1.220   -7.973  6.435   1.00 28.04 ? 567 PHE A CD2 1 
ATOM   174 C  CE1 . PHE A 1 29 ? 3.381   -6.576  5.432   1.00 30.04 ? 567 PHE A CE1 1 
ATOM   175 C  CE2 . PHE A 1 29 ? 2.487   -8.506  6.542   1.00 29.37 ? 567 PHE A CE2 1 
ATOM   176 C  CZ  . PHE A 1 29 ? 3.573   -7.809  6.038   1.00 29.67 ? 567 PHE A CZ  1 
ATOM   177 N  N   . PRO A 1 30 ? -1.626  -8.753  4.390   1.00 35.24 ? 568 PRO A N   1 
ATOM   178 C  CA  . PRO A 1 30 ? -1.580  -10.187 4.063   1.00 35.17 ? 568 PRO A CA  1 
ATOM   179 C  C   . PRO A 1 30 ? -1.663  -10.498 2.574   1.00 33.60 ? 568 PRO A C   1 
ATOM   180 O  O   . PRO A 1 30 ? -1.015  -11.427 2.086   1.00 32.02 ? 568 PRO A O   1 
ATOM   181 C  CB  . PRO A 1 30 ? -2.762  -10.756 4.840   1.00 35.41 ? 568 PRO A CB  1 
ATOM   182 C  CG  . PRO A 1 30 ? -2.834  -9.861  6.031   1.00 37.50 ? 568 PRO A CG  1 
ATOM   183 C  CD  . PRO A 1 30 ? -2.664  -8.488  5.400   1.00 36.33 ? 568 PRO A CD  1 
ATOM   184 N  N   . LEU A 1 31 ? -2.461  -9.712  1.863   1.00 32.44 ? 569 LEU A N   1 
ATOM   185 C  CA  . LEU A 1 31 ? -2.634  -9.897  0.432   1.00 30.97 ? 569 LEU A CA  1 
ATOM   186 C  C   . LEU A 1 31 ? -1.412  -9.432  -0.365  1.00 30.91 ? 569 LEU A C   1 
ATOM   187 O  O   . LEU A 1 31 ? -0.936  -10.137 -1.259  1.00 32.36 ? 569 LEU A O   1 
ATOM   188 C  CB  . LEU A 1 31 ? -3.895  -9.163  -0.017  1.00 30.10 ? 569 LEU A CB  1 
ATOM   189 C  CG  . LEU A 1 31 ? -5.127  -9.736  0.684   1.00 28.50 ? 569 LEU A CG  1 
ATOM   190 C  CD1 . LEU A 1 31 ? -6.366  -8.929  0.374   1.00 28.17 ? 569 LEU A CD1 1 
ATOM   191 C  CD2 . LEU A 1 31 ? -5.300  -11.182 0.248   1.00 30.44 ? 569 LEU A CD2 1 
ATOM   192 N  N   . ILE A 1 32 ? -0.898  -8.255  -0.032  1.00 31.05 ? 570 ILE A N   1 
ATOM   193 C  CA  . ILE A 1 32 ? 0.274   -7.715  -0.710  1.00 31.43 ? 570 ILE A CA  1 
ATOM   194 C  C   . ILE A 1 32 ? 1.493   -8.568  -0.378  1.00 31.62 ? 570 ILE A C   1 
ATOM   195 O  O   . ILE A 1 32 ? 2.393   -8.723  -1.182  1.00 32.70 ? 570 ILE A O   1 
ATOM   196 C  CB  . ILE A 1 32 ? 0.539   -6.258  -0.277  1.00 31.55 ? 570 ILE A CB  1 
ATOM   197 C  CG1 . ILE A 1 32 ? -0.726  -5.418  -0.507  1.00 32.36 ? 570 ILE A CG1 1 
ATOM   198 C  CG2 . ILE A 1 32 ? 1.717   -5.693  -1.064  1.00 29.23 ? 570 ILE A CG2 1 
ATOM   199 C  CD1 . ILE A 1 32 ? -0.548  -3.921  -0.308  1.00 29.90 ? 570 ILE A CD1 1 
ATOM   200 N  N   . GLN A 1 33 ? 1.494   -9.126  0.823   1.00 34.25 ? 571 GLN A N   1 
ATOM   201 C  CA  . GLN A 1 33 ? 2.582   -9.960  1.299   1.00 33.48 ? 571 GLN A CA  1 
ATOM   202 C  C   . GLN A 1 33 ? 2.680   -11.232 0.497   1.00 34.76 ? 571 GLN A C   1 
ATOM   203 O  O   . GLN A 1 33 ? 3.765   -11.659 0.166   1.00 36.22 ? 571 GLN A O   1 
ATOM   204 C  CB  . GLN A 1 33 ? 2.370   -10.314 2.770   1.00 34.17 ? 571 GLN A CB  1 
ATOM   205 C  CG  . GLN A 1 33 ? 3.492   -11.157 3.364   1.00 33.46 ? 571 GLN A CG  1 
ATOM   206 C  CD  . GLN A 1 33 ? 3.310   -11.401 4.848   1.00 34.27 ? 571 GLN A CD  1 
ATOM   207 O  OE1 . GLN A 1 33 ? 2.353   -12.059 5.269   1.00 32.88 ? 571 GLN A OE1 1 
ATOM   208 N  NE2 . GLN A 1 33 ? 4.223   -10.857 5.656   1.00 29.72 ? 571 GLN A NE2 1 
ATOM   209 N  N   . ALA A 1 34 ? 1.537   -11.840 0.199   1.00 35.52 ? 572 ALA A N   1 
ATOM   210 C  CA  . ALA A 1 34 ? 1.510   -13.075 -0.574  1.00 34.24 ? 572 ALA A CA  1 
ATOM   211 C  C   . ALA A 1 34 ? 2.212   -12.886 -1.914  1.00 33.78 ? 572 ALA A C   1 
ATOM   212 O  O   . ALA A 1 34 ? 2.867   -13.798 -2.430  1.00 33.55 ? 572 ALA A O   1 
ATOM   213 C  CB  . ALA A 1 34 ? 0.052   -13.525 -0.795  1.00 32.41 ? 572 ALA A CB  1 
ATOM   214 N  N   . MET A 1 35 ? 2.059   -11.694 -2.475  1.00 33.29 ? 573 MET A N   1 
ATOM   215 C  CA  . MET A 1 35 ? 2.659   -11.349 -3.755  1.00 32.62 ? 573 MET A CA  1 
ATOM   216 C  C   . MET A 1 35 ? 4.147   -11.021 -3.644  1.00 32.39 ? 573 MET A C   1 
ATOM   217 O  O   . MET A 1 35 ? 4.952   -11.427 -4.485  1.00 32.51 ? 573 MET A O   1 
ATOM   218 C  CB  . MET A 1 35 ? 1.912   -10.157 -4.351  1.00 36.30 ? 573 MET A CB  1 
ATOM   219 C  CG  . MET A 1 35 ? 0.426   -10.406 -4.596  1.00 41.16 ? 573 MET A CG  1 
ATOM   220 S  SD  . MET A 1 35 ? -0.490  -8.884  -4.938  1.00 43.53 ? 573 MET A SD  1 
ATOM   221 C  CE  . MET A 1 35 ? 0.286   -8.381  -6.438  1.00 43.99 ? 573 MET A CE  1 
ATOM   222 N  N   . HIS A 1 36 ? 4.504   -10.281 -2.599  1.00 33.58 ? 574 HIS A N   1 
ATOM   223 C  CA  . HIS A 1 36 ? 5.892   -9.872  -2.349  1.00 33.89 ? 574 HIS A CA  1 
ATOM   224 C  C   . HIS A 1 36 ? 6.182   -9.960  -0.851  1.00 34.75 ? 574 HIS A C   1 
ATOM   225 O  O   . HIS A 1 36 ? 5.965   -9.000  -0.111  1.00 34.97 ? 574 HIS A O   1 
ATOM   226 C  CB  . HIS A 1 36 ? 6.116   -8.439  -2.836  1.00 34.56 ? 574 HIS A CB  1 
ATOM   227 C  CG  . HIS A 1 36 ? 5.832   -8.248  -4.293  1.00 33.27 ? 574 HIS A CG  1 
ATOM   228 N  ND1 . HIS A 1 36 ? 6.694   -8.670  -5.283  1.00 35.58 ? 574 HIS A ND1 1 
ATOM   229 C  CD2 . HIS A 1 36 ? 4.752   -7.738  -4.930  1.00 33.70 ? 574 HIS A CD2 1 
ATOM   230 C  CE1 . HIS A 1 36 ? 6.157   -8.431  -6.466  1.00 35.13 ? 574 HIS A CE1 1 
ATOM   231 N  NE2 . HIS A 1 36 ? 4.977   -7.867  -6.279  1.00 36.37 ? 574 HIS A NE2 1 
ATOM   232 N  N   . PRO A 1 37 ? 6.681   -11.123 -0.392  1.00 34.58 ? 575 PRO A N   1 
ATOM   233 C  CA  . PRO A 1 37 ? 6.996   -11.342 1.020   1.00 35.39 ? 575 PRO A CA  1 
ATOM   234 C  C   . PRO A 1 37 ? 7.981   -10.356 1.633   1.00 36.84 ? 575 PRO A C   1 
ATOM   235 O  O   . PRO A 1 37 ? 7.811   -9.928  2.780   1.00 39.13 ? 575 PRO A O   1 
ATOM   236 C  CB  . PRO A 1 37 ? 7.504   -12.791 1.047   1.00 35.57 ? 575 PRO A CB  1 
ATOM   237 C  CG  . PRO A 1 37 ? 7.974   -13.032 -0.354  1.00 35.70 ? 575 PRO A CG  1 
ATOM   238 C  CD  . PRO A 1 37 ? 6.937   -12.341 -1.182  1.00 34.73 ? 575 PRO A CD  1 
ATOM   239 N  N   . THR A 1 38 ? 8.987   -9.966  0.867   1.00 36.67 ? 576 THR A N   1 
ATOM   240 C  CA  . THR A 1 38 ? 9.984   -9.060  1.390   1.00 39.19 ? 576 THR A CA  1 
ATOM   241 C  C   . THR A 1 38 ? 9.642   -7.566  1.262   1.00 38.58 ? 576 THR A C   1 
ATOM   242 O  O   . THR A 1 38 ? 9.802   -6.802  2.218   1.00 39.31 ? 576 THR A O   1 
ATOM   243 C  CB  . THR A 1 38 ? 11.356  -9.366  0.747   1.00 40.46 ? 576 THR A CB  1 
ATOM   244 O  OG1 . THR A 1 38 ? 11.390  -8.847  -0.580  1.00 47.83 ? 576 THR A OG1 1 
ATOM   245 C  CG2 . THR A 1 38 ? 11.580  -10.881 0.666   1.00 39.92 ? 576 THR A CG2 1 
ATOM   246 N  N   . LEU A 1 39 ? 9.157   -7.144  0.102   1.00 37.30 ? 577 LEU A N   1 
ATOM   247 C  CA  . LEU A 1 39 ? 8.818   -5.740  -0.090  1.00 36.81 ? 577 LEU A CA  1 
ATOM   248 C  C   . LEU A 1 39 ? 7.446   -5.349  0.462   1.00 36.47 ? 577 LEU A C   1 
ATOM   249 O  O   . LEU A 1 39 ? 7.070   -4.172  0.414   1.00 38.02 ? 577 LEU A O   1 
ATOM   250 C  CB  . LEU A 1 39 ? 8.878   -5.386  -1.581  1.00 35.12 ? 577 LEU A CB  1 
ATOM   251 C  CG  . LEU A 1 39 ? 10.251  -5.419  -2.253  1.00 33.98 ? 577 LEU A CG  1 
ATOM   252 C  CD1 . LEU A 1 39 ? 10.069  -5.240  -3.743  1.00 34.26 ? 577 LEU A CD1 1 
ATOM   253 C  CD2 . LEU A 1 39 ? 11.165  -4.324  -1.682  1.00 32.58 ? 577 LEU A CD2 1 
ATOM   254 N  N   . ALA A 1 40 ? 6.717   -6.328  1.000   1.00 36.37 ? 578 ALA A N   1 
ATOM   255 C  CA  . ALA A 1 40 ? 5.370   -6.118  1.526   1.00 34.28 ? 578 ALA A CA  1 
ATOM   256 C  C   . ALA A 1 40 ? 5.165   -4.858  2.367   1.00 35.14 ? 578 ALA A C   1 
ATOM   257 O  O   . ALA A 1 40 ? 4.285   -4.041  2.062   1.00 34.42 ? 578 ALA A O   1 
ATOM   258 C  CB  . ALA A 1 40 ? 4.932   -7.335  2.308   1.00 32.94 ? 578 ALA A CB  1 
ATOM   259 N  N   . GLY A 1 41 ? 5.969   -4.708  3.420   1.00 35.89 ? 579 GLY A N   1 
ATOM   260 C  CA  . GLY A 1 41 ? 5.853   -3.555  4.305   1.00 33.37 ? 579 GLY A CA  1 
ATOM   261 C  C   . GLY A 1 41 ? 5.836   -2.217  3.588   1.00 35.45 ? 579 GLY A C   1 
ATOM   262 O  O   . GLY A 1 41 ? 4.946   -1.383  3.806   1.00 32.62 ? 579 GLY A O   1 
ATOM   263 N  N   . LYS A 1 42 ? 6.836   -2.028  2.727   1.00 37.50 ? 580 LYS A N   1 
ATOM   264 C  CA  . LYS A 1 42 ? 7.008   -0.819  1.932   1.00 37.67 ? 580 LYS A CA  1 
ATOM   265 C  C   . LYS A 1 42 ? 5.842   -0.567  0.973   1.00 38.54 ? 580 LYS A C   1 
ATOM   266 O  O   . LYS A 1 42 ? 5.240   0.508   0.988   1.00 40.07 ? 580 LYS A O   1 
ATOM   267 C  CB  . LYS A 1 42 ? 8.308   -0.919  1.126   1.00 38.39 ? 580 LYS A CB  1 
ATOM   268 C  CG  . LYS A 1 42 ? 8.713   0.372   0.410   1.00 39.74 ? 580 LYS A CG  1 
ATOM   269 C  CD  . LYS A 1 42 ? 8.907   1.525   1.397   1.00 39.11 ? 580 LYS A CD  1 
ATOM   270 C  CE  . LYS A 1 42 ? 9.471   2.776   0.722   1.00 39.38 ? 580 LYS A CE  1 
ATOM   271 N  NZ  . LYS A 1 42 ? 9.512   3.953   1.638   1.00 37.62 ? 580 LYS A NZ  1 
ATOM   272 N  N   . ILE A 1 43 ? 5.537   -1.555  0.132   1.00 36.54 ? 581 ILE A N   1 
ATOM   273 C  CA  . ILE A 1 43 ? 4.457   -1.426  -0.837  1.00 36.32 ? 581 ILE A CA  1 
ATOM   274 C  C   . ILE A 1 43 ? 3.174   -1.009  -0.146  1.00 36.41 ? 581 ILE A C   1 
ATOM   275 O  O   . ILE A 1 43 ? 2.492   -0.076  -0.578  1.00 35.42 ? 581 ILE A O   1 
ATOM   276 C  CB  . ILE A 1 43 ? 4.240   -2.751  -1.600  1.00 37.80 ? 581 ILE A CB  1 
ATOM   277 C  CG1 . ILE A 1 43 ? 5.515   -3.099  -2.370  1.00 36.82 ? 581 ILE A CG1 1 
ATOM   278 C  CG2 . ILE A 1 43 ? 3.056   -2.629  -2.565  1.00 35.51 ? 581 ILE A CG2 1 
ATOM   279 C  CD1 . ILE A 1 43 ? 5.559   -4.526  -2.827  1.00 40.02 ? 581 ILE A CD1 1 
ATOM   280 N  N   . THR A 1 44 ? 2.853   -1.709  0.933   1.00 37.03 ? 582 THR A N   1 
ATOM   281 C  CA  . THR A 1 44 ? 1.671   -1.400  1.710   1.00 37.35 ? 582 THR A CA  1 
ATOM   282 C  C   . THR A 1 44 ? 1.736   0.082   2.110   1.00 37.96 ? 582 THR A C   1 
ATOM   283 O  O   . THR A 1 44 ? 0.796   0.844   1.873   1.00 38.37 ? 582 THR A O   1 
ATOM   284 C  CB  . THR A 1 44 ? 1.613   -2.300  2.962   1.00 38.52 ? 582 THR A CB  1 
ATOM   285 O  OG1 . THR A 1 44 ? 1.579   -3.671  2.552   1.00 37.66 ? 582 THR A OG1 1 
ATOM   286 C  CG2 . THR A 1 44 ? 0.367   -2.005  3.798   1.00 36.86 ? 582 THR A CG2 1 
ATOM   287 N  N   . GLY A 1 45 ? 2.857   0.489   2.700   1.00 38.06 ? 583 GLY A N   1 
ATOM   288 C  CA  . GLY A 1 45 ? 3.021   1.875   3.109   1.00 40.00 ? 583 GLY A CA  1 
ATOM   289 C  C   . GLY A 1 45 ? 2.739   2.855   1.980   1.00 41.18 ? 583 GLY A C   1 
ATOM   290 O  O   . GLY A 1 45 ? 2.042   3.860   2.160   1.00 42.69 ? 583 GLY A O   1 
ATOM   291 N  N   . MET A 1 46 ? 3.283   2.555   0.805   1.00 42.13 ? 584 MET A N   1 
ATOM   292 C  CA  . MET A 1 46 ? 3.098   3.392   -0.368  1.00 41.72 ? 584 MET A CA  1 
ATOM   293 C  C   . MET A 1 46 ? 1.638   3.491   -0.790  1.00 42.08 ? 584 MET A C   1 
ATOM   294 O  O   . MET A 1 46 ? 1.156   4.560   -1.176  1.00 42.73 ? 584 MET A O   1 
ATOM   295 C  CB  . MET A 1 46 ? 3.913   2.833   -1.526  1.00 43.07 ? 584 MET A CB  1 
ATOM   296 C  CG  . MET A 1 46 ? 5.409   2.965   -1.378  1.00 40.14 ? 584 MET A CG  1 
ATOM   297 S  SD  . MET A 1 46 ? 6.213   2.124   -2.739  1.00 42.44 ? 584 MET A SD  1 
ATOM   298 C  CE  . MET A 1 46 ? 5.559   3.045   -4.164  1.00 40.63 ? 584 MET A CE  1 
ATOM   299 N  N   . LEU A 1 47 ? 0.927   2.376   -0.715  1.00 42.77 ? 585 LEU A N   1 
ATOM   300 C  CA  . LEU A 1 47 ? -0.476  2.357   -1.119  1.00 43.12 ? 585 LEU A CA  1 
ATOM   301 C  C   . LEU A 1 47 ? -1.431  3.028   -0.140  1.00 42.99 ? 585 LEU A C   1 
ATOM   302 O  O   . LEU A 1 47 ? -2.489  3.529   -0.537  1.00 42.97 ? 585 LEU A O   1 
ATOM   303 C  CB  . LEU A 1 47 ? -0.921  0.916   -1.378  1.00 43.01 ? 585 LEU A CB  1 
ATOM   304 C  CG  . LEU A 1 47 ? -0.129  0.243   -2.504  1.00 44.78 ? 585 LEU A CG  1 
ATOM   305 C  CD1 . LEU A 1 47 ? -0.788  -1.066  -2.902  1.00 44.00 ? 585 LEU A CD1 1 
ATOM   306 C  CD2 . LEU A 1 47 ? -0.074  1.184   -3.700  1.00 44.15 ? 585 LEU A CD2 1 
ATOM   307 N  N   . LEU A 1 48 ? -1.044  3.056   1.133   1.00 43.00 ? 586 LEU A N   1 
ATOM   308 C  CA  . LEU A 1 48 ? -1.878  3.649   2.165   1.00 42.16 ? 586 LEU A CA  1 
ATOM   309 C  C   . LEU A 1 48 ? -2.029  5.158   2.082   1.00 41.43 ? 586 LEU A C   1 
ATOM   310 O  O   . LEU A 1 48 ? -2.641  5.767   2.950   1.00 41.17 ? 586 LEU A O   1 
ATOM   311 C  CB  . LEU A 1 48 ? -1.367  3.244   3.544   1.00 38.40 ? 586 LEU A CB  1 
ATOM   312 C  CG  . LEU A 1 48 ? -1.793  1.822   3.920   1.00 40.29 ? 586 LEU A CG  1 
ATOM   313 C  CD1 . LEU A 1 48 ? -1.087  1.342   5.180   1.00 37.22 ? 586 LEU A CD1 1 
ATOM   314 C  CD2 . LEU A 1 48 ? -3.306  1.796   4.100   1.00 38.89 ? 586 LEU A CD2 1 
ATOM   315 N  N   . GLU A 1 49 ? -1.485  5.762   1.036   1.00 42.38 ? 587 GLU A N   1 
ATOM   316 C  CA  . GLU A 1 49 ? -1.595  7.201   0.878   1.00 44.57 ? 587 GLU A CA  1 
ATOM   317 C  C   . GLU A 1 49 ? -2.598  7.515   -0.220  1.00 45.69 ? 587 GLU A C   1 
ATOM   318 O  O   . GLU A 1 49 ? -2.636  8.620   -0.766  1.00 46.54 ? 587 GLU A O   1 
ATOM   319 C  CB  . GLU A 1 49 ? -0.231  7.788   0.544   1.00 44.21 ? 587 GLU A CB  1 
ATOM   320 C  CG  . GLU A 1 49 ? 0.798   7.527   1.617   1.00 44.20 ? 587 GLU A CG  1 
ATOM   321 C  CD  . GLU A 1 49 ? 2.093   8.255   1.364   1.00 45.70 ? 587 GLU A CD  1 
ATOM   322 O  OE1 . GLU A 1 49 ? 2.677   8.059   0.273   1.00 45.03 ? 587 GLU A OE1 1 
ATOM   323 O  OE2 . GLU A 1 49 ? 2.525   9.021   2.257   1.00 46.42 ? 587 GLU A OE2 1 
ATOM   324 N  N   . ILE A 1 50 ? -3.430  6.521   -0.503  1.00 47.10 ? 588 ILE A N   1 
ATOM   325 C  CA  . ILE A 1 50 ? -4.443  6.581   -1.539  1.00 49.02 ? 588 ILE A CA  1 
ATOM   326 C  C   . ILE A 1 50 ? -5.833  6.708   -0.921  1.00 51.34 ? 588 ILE A C   1 
ATOM   327 O  O   . ILE A 1 50 ? -5.997  6.463   0.274   1.00 51.22 ? 588 ILE A O   1 
ATOM   328 C  CB  . ILE A 1 50 ? -4.346  5.296   -2.384  1.00 49.40 ? 588 ILE A CB  1 
ATOM   329 C  CG1 . ILE A 1 50 ? -2.974  5.254   -3.067  1.00 48.54 ? 588 ILE A CG1 1 
ATOM   330 C  CG2 . ILE A 1 50 ? -5.488  5.211   -3.375  1.00 50.49 ? 588 ILE A CG2 1 
ATOM   331 C  CD1 . ILE A 1 50 ? -2.570  3.891   -3.604  1.00 47.93 ? 588 ILE A CD1 1 
ATOM   332 N  N   . ASP A 1 51 ? -6.824  7.100   -1.729  1.00 52.00 ? 589 ASP A N   1 
ATOM   333 C  CA  . ASP A 1 51 ? -8.200  7.245   -1.252  1.00 51.94 ? 589 ASP A CA  1 
ATOM   334 C  C   . ASP A 1 51 ? -8.618  5.963   -0.555  1.00 51.45 ? 589 ASP A C   1 
ATOM   335 O  O   . ASP A 1 51 ? -8.441  4.866   -1.097  1.00 51.19 ? 589 ASP A O   1 
ATOM   336 C  CB  . ASP A 1 51 ? -9.191  7.472   -2.406  1.00 54.13 ? 589 ASP A CB  1 
ATOM   337 C  CG  . ASP A 1 51 ? -8.853  8.674   -3.257  1.00 55.74 ? 589 ASP A CG  1 
ATOM   338 O  OD1 . ASP A 1 51 ? -8.483  9.723   -2.680  1.00 55.15 ? 589 ASP A OD1 1 
ATOM   339 O  OD2 . ASP A 1 51 ? -8.979  8.566   -4.503  1.00 55.54 ? 589 ASP A OD2 1 
ATOM   340 N  N   . ASN A 1 52 ? -9.185  6.086   0.638   1.00 49.76 ? 590 ASN A N   1 
ATOM   341 C  CA  . ASN A 1 52 ? -9.625  4.889   1.335   1.00 48.65 ? 590 ASN A CA  1 
ATOM   342 C  C   . ASN A 1 52 ? -10.728 4.242   0.493   1.00 47.67 ? 590 ASN A C   1 
ATOM   343 O  O   . ASN A 1 52 ? -10.801 3.017   0.371   1.00 46.90 ? 590 ASN A O   1 
ATOM   344 C  CB  . ASN A 1 52 ? -10.140 5.236   2.737   1.00 49.77 ? 590 ASN A CB  1 
ATOM   345 C  CG  . ASN A 1 52 ? -9.044  5.763   3.658   1.00 50.28 ? 590 ASN A CG  1 
ATOM   346 O  OD1 . ASN A 1 52 ? -7.853  5.707   3.338   1.00 50.84 ? 590 ASN A OD1 1 
ATOM   347 N  ND2 . ASN A 1 52 ? -9.446  6.268   4.815   1.00 51.71 ? 590 ASN A ND2 1 
ATOM   348 N  N   . SER A 1 53 ? -11.575 5.078   -0.101  1.00 45.86 ? 591 SER A N   1 
ATOM   349 C  CA  . SER A 1 53 ? -12.665 4.593   -0.943  1.00 43.14 ? 591 SER A CA  1 
ATOM   350 C  C   . SER A 1 53 ? -12.110 3.688   -2.040  1.00 40.81 ? 591 SER A C   1 
ATOM   351 O  O   . SER A 1 53 ? -12.726 2.683   -2.385  1.00 38.75 ? 591 SER A O   1 
ATOM   352 C  CB  . SER A 1 53 ? -13.443 5.775   -1.555  1.00 43.16 ? 591 SER A CB  1 
ATOM   353 O  OG  . SER A 1 53 ? -12.586 6.670   -2.246  1.00 42.72 ? 591 SER A OG  1 
ATOM   354 N  N   . GLU A 1 54 ? -10.955 4.048   -2.593  1.00 41.51 ? 592 GLU A N   1 
ATOM   355 C  CA  . GLU A 1 54 ? -10.335 3.221   -3.622  1.00 42.55 ? 592 GLU A CA  1 
ATOM   356 C  C   . GLU A 1 54 ? -9.542  2.082   -2.965  1.00 42.47 ? 592 GLU A C   1 
ATOM   357 O  O   . GLU A 1 54 ? -9.412  0.995   -3.532  1.00 41.13 ? 592 GLU A O   1 
ATOM   358 C  CB  . GLU A 1 54 ? -9.406  4.042   -4.507  1.00 46.51 ? 592 GLU A CB  1 
ATOM   359 C  CG  . GLU A 1 54 ? -8.760  3.215   -5.622  1.00 48.29 ? 592 GLU A CG  1 
ATOM   360 C  CD  . GLU A 1 54 ? -7.801  4.025   -6.475  1.00 51.31 ? 592 GLU A CD  1 
ATOM   361 O  OE1 . GLU A 1 54 ? -7.029  4.831   -5.895  1.00 51.43 ? 592 GLU A OE1 1 
ATOM   362 O  OE2 . GLU A 1 54 ? -7.812  3.850   -7.718  1.00 48.46 ? 592 GLU A OE2 1 
ATOM   363 N  N   . LEU A 1 55 ? -9.003  2.336   -1.774  1.00 42.57 ? 593 LEU A N   1 
ATOM   364 C  CA  . LEU A 1 55 ? -8.269  1.301   -1.057  1.00 42.82 ? 593 LEU A CA  1 
ATOM   365 C  C   . LEU A 1 55 ? -9.280  0.218   -0.695  1.00 42.73 ? 593 LEU A C   1 
ATOM   366 O  O   . LEU A 1 55 ? -8.956  -0.974  -0.681  1.00 42.64 ? 593 LEU A O   1 
ATOM   367 C  CB  . LEU A 1 55 ? -7.631  1.854   0.219   1.00 42.20 ? 593 LEU A CB  1 
ATOM   368 C  CG  . LEU A 1 55 ? -6.376  2.714   0.080   1.00 43.30 ? 593 LEU A CG  1 
ATOM   369 C  CD1 . LEU A 1 55 ? -5.869  3.091   1.461   1.00 40.67 ? 593 LEU A CD1 1 
ATOM   370 C  CD2 . LEU A 1 55 ? -5.303  1.947   -0.685  1.00 43.01 ? 593 LEU A CD2 1 
ATOM   371 N  N   . LEU A 1 56 ? -10.505 0.654   -0.404  1.00 42.94 ? 594 LEU A N   1 
ATOM   372 C  CA  . LEU A 1 56 ? -11.607 -0.244  -0.067  1.00 42.88 ? 594 LEU A CA  1 
ATOM   373 C  C   . LEU A 1 56 ? -11.962 -1.047  -1.302  1.00 42.97 ? 594 LEU A C   1 
ATOM   374 O  O   . LEU A 1 56 ? -12.350 -2.219  -1.218  1.00 43.67 ? 594 LEU A O   1 
ATOM   375 C  CB  . LEU A 1 56 ? -12.851 0.541   0.355   1.00 42.76 ? 594 LEU A CB  1 
ATOM   376 C  CG  . LEU A 1 56 ? -12.925 1.172   1.742   1.00 44.05 ? 594 LEU A CG  1 
ATOM   377 C  CD1 . LEU A 1 56 ? -14.283 1.833   1.917   1.00 43.20 ? 594 LEU A CD1 1 
ATOM   378 C  CD2 . LEU A 1 56 ? -12.720 0.103   2.811   1.00 44.84 ? 594 LEU A CD2 1 
ATOM   379 N  N   . HIS A 1 57 ? -11.842 -0.395  -2.452  1.00 40.64 ? 595 HIS A N   1 
ATOM   380 C  CA  . HIS A 1 57 ? -12.156 -1.039  -3.710  1.00 39.13 ? 595 HIS A CA  1 
ATOM   381 C  C   . HIS A 1 57 ? -11.145 -2.125  -4.022  1.00 37.81 ? 595 HIS A C   1 
ATOM   382 O  O   . HIS A 1 57 ? -11.500 -3.203  -4.473  1.00 35.96 ? 595 HIS A O   1 
ATOM   383 C  CB  . HIS A 1 57 ? -12.166 -0.024  -4.849  1.00 35.93 ? 595 HIS A CB  1 
ATOM   384 C  CG  . HIS A 1 57 ? -12.242 -0.656  -6.202  1.00 36.33 ? 595 HIS A CG  1 
ATOM   385 N  ND1 . HIS A 1 57 ? -11.263 -0.494  -7.157  1.00 36.99 ? 595 HIS A ND1 1 
ATOM   386 C  CD2 . HIS A 1 57 ? -13.165 -1.482  -6.749  1.00 34.43 ? 595 HIS A CD2 1 
ATOM   387 C  CE1 . HIS A 1 57 ? -11.577 -1.193  -8.233  1.00 35.07 ? 595 HIS A CE1 1 
ATOM   388 N  NE2 . HIS A 1 57 ? -12.726 -1.802  -8.010  1.00 35.42 ? 595 HIS A NE2 1 
ATOM   389 N  N   . MET A 1 58 ? -9.881  -1.829  -3.784  1.00 39.00 ? 596 MET A N   1 
ATOM   390 C  CA  . MET A 1 58 ? -8.840  -2.783  -4.068  1.00 40.94 ? 596 MET A CA  1 
ATOM   391 C  C   . MET A 1 58 ? -8.946  -3.999  -3.173  1.00 42.51 ? 596 MET A C   1 
ATOM   392 O  O   . MET A 1 58 ? -8.627  -5.106  -3.595  1.00 43.41 ? 596 MET A O   1 
ATOM   393 C  CB  . MET A 1 58 ? -7.481  -2.115  -3.925  1.00 43.35 ? 596 MET A CB  1 
ATOM   394 C  CG  . MET A 1 58 ? -7.262  -1.054  -4.972  1.00 45.42 ? 596 MET A CG  1 
ATOM   395 S  SD  . MET A 1 58 ? -5.657  -0.303  -4.854  1.00 51.15 ? 596 MET A SD  1 
ATOM   396 C  CE  . MET A 1 58 ? -5.982  1.009   -3.735  1.00 50.05 ? 596 MET A CE  1 
ATOM   397 N  N   . LEU A 1 59 ? -9.414  -3.786  -1.949  1.00 44.11 ? 597 LEU A N   1 
ATOM   398 C  CA  . LEU A 1 59 ? -9.586  -4.862  -0.987  1.00 45.47 ? 597 LEU A CA  1 
ATOM   399 C  C   . LEU A 1 59 ? -10.714 -5.784  -1.405  1.00 47.00 ? 597 LEU A C   1 
ATOM   400 O  O   . LEU A 1 59 ? -10.966 -6.810  -0.774  1.00 46.97 ? 597 LEU A O   1 
ATOM   401 C  CB  . LEU A 1 59 ? -9.912  -4.289  0.383   1.00 47.82 ? 597 LEU A CB  1 
ATOM   402 C  CG  . LEU A 1 59 ? -8.755  -3.841  1.263   1.00 48.83 ? 597 LEU A CG  1 
ATOM   403 C  CD1 . LEU A 1 59 ? -9.305  -3.107  2.482   1.00 48.87 ? 597 LEU A CD1 1 
ATOM   404 C  CD2 . LEU A 1 59 ? -7.944  -5.057  1.673   1.00 47.66 ? 597 LEU A CD2 1 
ATOM   405 N  N   . GLU A 1 60 ? -11.402 -5.402  -2.470  1.00 48.00 ? 598 GLU A N   1 
ATOM   406 C  CA  . GLU A 1 60 ? -12.510 -6.187  -2.981  1.00 48.70 ? 598 GLU A CA  1 
ATOM   407 C  C   . GLU A 1 60 ? -12.231 -6.605  -4.420  1.00 47.84 ? 598 GLU A C   1 
ATOM   408 O  O   . GLU A 1 60 ? -12.945 -7.436  -4.994  1.00 46.32 ? 598 GLU A O   1 
ATOM   409 C  CB  . GLU A 1 60 ? -13.800 -5.364  -2.895  1.00 53.54 ? 598 GLU A CB  1 
ATOM   410 C  CG  . GLU A 1 60 ? -14.446 -5.395  -1.515  1.00 58.10 ? 598 GLU A CG  1 
ATOM   411 C  CD  . GLU A 1 60 ? -15.076 -6.751  -1.201  1.00 61.62 ? 598 GLU A CD  1 
ATOM   412 O  OE1 . GLU A 1 60 ? -14.384 -7.790  -1.303  1.00 63.80 ? 598 GLU A OE1 1 
ATOM   413 O  OE2 . GLU A 1 60 ? -16.276 -6.782  -0.853  1.00 63.71 ? 598 GLU A OE2 1 
ATOM   414 N  N   . SER A 1 61 ? -11.177 -6.031  -4.997  1.00 45.44 ? 599 SER A N   1 
ATOM   415 C  CA  . SER A 1 61 ? -10.807 -6.335  -6.367  1.00 43.95 ? 599 SER A CA  1 
ATOM   416 C  C   . SER A 1 61 ? -9.334  -6.708  -6.449  1.00 41.74 ? 599 SER A C   1 
ATOM   417 O  O   . SER A 1 61 ? -8.460  -5.844  -6.413  1.00 42.39 ? 599 SER A O   1 
ATOM   418 C  CB  . SER A 1 61 ? -11.107 -5.130  -7.272  1.00 44.65 ? 599 SER A CB  1 
ATOM   419 O  OG  . SER A 1 61 ? -10.894 -5.435  -8.645  1.00 45.47 ? 599 SER A OG  1 
ATOM   420 N  N   . PRO A 1 62 ? -9.042  -8.011  -6.540  1.00 40.10 ? 600 PRO A N   1 
ATOM   421 C  CA  . PRO A 1 62 ? -7.672  -8.519  -6.628  1.00 39.75 ? 600 PRO A CA  1 
ATOM   422 C  C   . PRO A 1 62 ? -6.920  -7.967  -7.840  1.00 40.96 ? 600 PRO A C   1 
ATOM   423 O  O   . PRO A 1 62 ? -5.801  -7.476  -7.708  1.00 41.65 ? 600 PRO A O   1 
ATOM   424 C  CB  . PRO A 1 62 ? -7.872  -10.029 -6.690  1.00 38.25 ? 600 PRO A CB  1 
ATOM   425 C  CG  . PRO A 1 62 ? -9.069  -10.232 -5.843  1.00 39.39 ? 600 PRO A CG  1 
ATOM   426 C  CD  . PRO A 1 62 ? -9.989  -9.113  -6.299  1.00 40.79 ? 600 PRO A CD  1 
ATOM   427 N  N   . GLU A 1 63 ? -7.528  -8.048  -9.021  1.00 42.21 ? 601 GLU A N   1 
ATOM   428 C  CA  . GLU A 1 63 ? -6.888  -7.527  -10.226 1.00 42.85 ? 601 GLU A CA  1 
ATOM   429 C  C   . GLU A 1 63 ? -6.483  -6.069  -9.982  1.00 41.85 ? 601 GLU A C   1 
ATOM   430 O  O   . GLU A 1 63 ? -5.413  -5.639  -10.403 1.00 41.18 ? 601 GLU A O   1 
ATOM   431 C  CB  . GLU A 1 63 ? -7.839  -7.623  -11.433 1.00 44.56 ? 601 GLU A CB  1 
ATOM   432 C  CG  . GLU A 1 63 ? -8.051  -9.048  -11.984 1.00 49.91 ? 601 GLU A CG  1 
ATOM   433 C  CD  . GLU A 1 63 ? -6.919  -9.529  -12.889 1.00 52.18 ? 601 GLU A CD  1 
ATOM   434 O  OE1 . GLU A 1 63 ? -6.922  -10.716 -13.279 1.00 54.33 ? 601 GLU A OE1 1 
ATOM   435 O  OE2 . GLU A 1 63 ? -6.029  -8.722  -13.220 1.00 56.18 ? 601 GLU A OE2 1 
ATOM   436 N  N   . SER A 1 64 ? -7.334  -5.315  -9.287  1.00 41.51 ? 602 SER A N   1 
ATOM   437 C  CA  . SER A 1 64 ? -7.038  -3.909  -8.991  1.00 43.01 ? 602 SER A CA  1 
ATOM   438 C  C   . SER A 1 64 ? -5.877  -3.796  -7.996  1.00 40.59 ? 602 SER A C   1 
ATOM   439 O  O   . SER A 1 64 ? -4.962  -2.997  -8.167  1.00 40.53 ? 602 SER A O   1 
ATOM   440 C  CB  . SER A 1 64 ? -8.284  -3.210  -8.426  1.00 43.30 ? 602 SER A CB  1 
ATOM   441 O  OG  . SER A 1 64 ? -9.386  -3.392  -9.294  1.00 45.43 ? 602 SER A OG  1 
ATOM   442 N  N   . LEU A 1 65 ? -5.930  -4.602  -6.949  1.00 40.21 ? 603 LEU A N   1 
ATOM   443 C  CA  . LEU A 1 65 ? -4.868  -4.609  -5.962  1.00 39.17 ? 603 LEU A CA  1 
ATOM   444 C  C   . LEU A 1 65 ? -3.556  -4.994  -6.643  1.00 38.97 ? 603 LEU A C   1 
ATOM   445 O  O   . LEU A 1 65 ? -2.542  -4.305  -6.502  1.00 39.31 ? 603 LEU A O   1 
ATOM   446 C  CB  . LEU A 1 65 ? -5.183  -5.619  -4.866  1.00 36.85 ? 603 LEU A CB  1 
ATOM   447 C  CG  . LEU A 1 65 ? -4.080  -5.796  -3.826  1.00 37.01 ? 603 LEU A CG  1 
ATOM   448 C  CD1 . LEU A 1 65 ? -3.938  -4.530  -3.003  1.00 35.40 ? 603 LEU A CD1 1 
ATOM   449 C  CD2 . LEU A 1 65 ? -4.408  -6.981  -2.950  1.00 37.05 ? 603 LEU A CD2 1 
ATOM   450 N  N   . ARG A 1 66 ? -3.578  -6.094  -7.385  1.00 38.23 ? 604 ARG A N   1 
ATOM   451 C  CA  . ARG A 1 66 ? -2.378  -6.558  -8.055  1.00 39.16 ? 604 ARG A CA  1 
ATOM   452 C  C   . ARG A 1 66 ? -1.831  -5.497  -8.993  1.00 38.17 ? 604 ARG A C   1 
ATOM   453 O  O   . ARG A 1 66 ? -0.632  -5.212  -9.008  1.00 38.60 ? 604 ARG A O   1 
ATOM   454 C  CB  . ARG A 1 66 ? -2.662  -7.835  -8.845  1.00 40.58 ? 604 ARG A CB  1 
ATOM   455 C  CG  . ARG A 1 66 ? -1.392  -8.472  -9.382  1.00 40.75 ? 604 ARG A CG  1 
ATOM   456 C  CD  . ARG A 1 66 ? -1.629  -9.823  -10.007 1.00 41.67 ? 604 ARG A CD  1 
ATOM   457 N  NE  . ARG A 1 66 ? -2.329  -9.741  -11.281 1.00 43.27 ? 604 ARG A NE  1 
ATOM   458 C  CZ  . ARG A 1 66 ? -2.439  -10.764 -12.116 1.00 43.15 ? 604 ARG A CZ  1 
ATOM   459 N  NH1 . ARG A 1 66 ? -1.887  -11.928 -11.790 1.00 42.50 ? 604 ARG A NH1 1 
ATOM   460 N  NH2 . ARG A 1 66 ? -3.093  -10.628 -13.265 1.00 40.79 ? 604 ARG A NH2 1 
ATOM   461 N  N   . SER A 1 67 ? -2.719  -4.911  -9.779  1.00 38.88 ? 605 SER A N   1 
ATOM   462 C  CA  . SER A 1 67 ? -2.332  -3.879  -10.721 1.00 37.84 ? 605 SER A CA  1 
ATOM   463 C  C   . SER A 1 67 ? -1.630  -2.730  -10.001 1.00 37.54 ? 605 SER A C   1 
ATOM   464 O  O   . SER A 1 67 ? -0.626  -2.217  -10.474 1.00 37.19 ? 605 SER A O   1 
ATOM   465 C  CB  . SER A 1 67 ? -3.571  -3.374  -11.459 1.00 40.12 ? 605 SER A CB  1 
ATOM   466 O  OG  . SER A 1 67 ? -3.271  -2.251  -12.270 1.00 44.97 ? 605 SER A OG  1 
ATOM   467 N  N   . LYS A 1 68 ? -2.153  -2.336  -8.849  1.00 37.87 ? 606 LYS A N   1 
ATOM   468 C  CA  . LYS A 1 68 ? -1.556  -1.243  -8.095  1.00 37.85 ? 606 LYS A CA  1 
ATOM   469 C  C   . LYS A 1 68 ? -0.217  -1.677  -7.500  1.00 38.89 ? 606 LYS A C   1 
ATOM   470 O  O   . LYS A 1 68 ? 0.740   -0.904  -7.463  1.00 37.23 ? 606 LYS A O   1 
ATOM   471 C  CB  . LYS A 1 68 ? -2.505  -0.801  -6.980  1.00 39.05 ? 606 LYS A CB  1 
ATOM   472 C  CG  . LYS A 1 68 ? -2.399  0.668   -6.649  1.00 38.98 ? 606 LYS A CG  1 
ATOM   473 C  CD  . LYS A 1 68 ? -2.642  1.508   -7.902  1.00 39.28 ? 606 LYS A CD  1 
ATOM   474 C  CE  . LYS A 1 68 ? -2.526  2.996   -7.619  1.00 39.57 ? 606 LYS A CE  1 
ATOM   475 N  NZ  . LYS A 1 68 ? -2.662  3.809   -8.858  1.00 40.32 ? 606 LYS A NZ  1 
ATOM   476 N  N   . VAL A 1 69 ? -0.163  -2.925  -7.039  1.00 39.32 ? 607 VAL A N   1 
ATOM   477 C  CA  . VAL A 1 69 ? 1.053   -3.470  -6.458  1.00 39.96 ? 607 VAL A CA  1 
ATOM   478 C  C   . VAL A 1 69 ? 2.187   -3.491  -7.481  1.00 39.01 ? 607 VAL A C   1 
ATOM   479 O  O   . VAL A 1 69 ? 3.274   -3.010  -7.201  1.00 39.39 ? 607 VAL A O   1 
ATOM   480 C  CB  . VAL A 1 69 ? 0.815   -4.903  -5.905  1.00 43.13 ? 607 VAL A CB  1 
ATOM   481 C  CG1 . VAL A 1 69 ? 2.103   -5.469  -5.331  1.00 41.99 ? 607 VAL A CG1 1 
ATOM   482 C  CG2 . VAL A 1 69 ? -0.245  -4.870  -4.813  1.00 43.68 ? 607 VAL A CG2 1 
ATOM   483 N  N   . ASP A 1 70 ? 1.935   -4.034  -8.667  1.00 39.14 ? 608 ASP A N   1 
ATOM   484 C  CA  . ASP A 1 70 ? 2.968   -4.076  -9.700  1.00 40.23 ? 608 ASP A CA  1 
ATOM   485 C  C   . ASP A 1 70 ? 3.469   -2.679  -10.045 1.00 39.41 ? 608 ASP A C   1 
ATOM   486 O  O   . ASP A 1 70 ? 4.638   -2.491  -10.364 1.00 38.46 ? 608 ASP A O   1 
ATOM   487 C  CB  . ASP A 1 70 ? 2.443   -4.714  -10.987 1.00 41.95 ? 608 ASP A CB  1 
ATOM   488 C  CG  . ASP A 1 70 ? 2.001   -6.141  -10.794 1.00 43.80 ? 608 ASP A CG  1 
ATOM   489 O  OD1 . ASP A 1 70 ? 2.540   -6.818  -9.894  1.00 43.94 ? 608 ASP A OD1 1 
ATOM   490 O  OD2 . ASP A 1 70 ? 1.121   -6.588  -11.558 1.00 45.82 ? 608 ASP A OD2 1 
ATOM   491 N  N   . GLU A 1 71 ? 2.565   -1.708  -9.997  1.00 38.62 ? 609 GLU A N   1 
ATOM   492 C  CA  . GLU A 1 71 ? 2.894   -0.330  -10.308 1.00 38.46 ? 609 GLU A CA  1 
ATOM   493 C  C   . GLU A 1 71 ? 3.876   0.157   -9.241  1.00 37.20 ? 609 GLU A C   1 
ATOM   494 O  O   . GLU A 1 71 ? 4.937   0.685   -9.548  1.00 37.47 ? 609 GLU A O   1 
ATOM   495 C  CB  . GLU A 1 71 ? 1.596   0.494   -10.316 1.00 41.53 ? 609 GLU A CB  1 
ATOM   496 C  CG  . GLU A 1 71 ? 1.704   1.924   -10.821 1.00 44.08 ? 609 GLU A CG  1 
ATOM   497 C  CD  . GLU A 1 71 ? 0.337   2.603   -10.917 1.00 47.93 ? 609 GLU A CD  1 
ATOM   498 O  OE1 . GLU A 1 71 ? -0.466  2.225   -11.800 1.00 49.87 ? 609 GLU A OE1 1 
ATOM   499 O  OE2 . GLU A 1 71 ? 0.061   3.509   -10.099 1.00 48.59 ? 609 GLU A OE2 1 
ATOM   500 N  N   . ALA A 1 72 ? 3.525   -0.057  -7.981  1.00 35.74 ? 610 ALA A N   1 
ATOM   501 C  CA  . ALA A 1 72 ? 4.385   0.345   -6.879  1.00 37.02 ? 610 ALA A CA  1 
ATOM   502 C  C   . ALA A 1 72 ? 5.746   -0.327  -6.977  1.00 37.39 ? 610 ALA A C   1 
ATOM   503 O  O   . ALA A 1 72 ? 6.776   0.286   -6.678  1.00 39.29 ? 610 ALA A O   1 
ATOM   504 C  CB  . ALA A 1 72 ? 3.735   -0.011  -5.554  1.00 35.55 ? 610 ALA A CB  1 
ATOM   505 N  N   . VAL A 1 73 ? 5.750   -1.592  -7.381  1.00 36.47 ? 611 VAL A N   1 
ATOM   506 C  CA  . VAL A 1 73 ? 6.992   -2.347  -7.499  1.00 38.14 ? 611 VAL A CA  1 
ATOM   507 C  C   . VAL A 1 73 ? 7.908   -1.739  -8.536  1.00 38.78 ? 611 VAL A C   1 
ATOM   508 O  O   . VAL A 1 73 ? 9.107   -1.594  -8.316  1.00 38.59 ? 611 VAL A O   1 
ATOM   509 C  CB  . VAL A 1 73 ? 6.727   -3.806  -7.895  1.00 38.43 ? 611 VAL A CB  1 
ATOM   510 C  CG1 . VAL A 1 73 ? 8.025   -4.477  -8.299  1.00 38.13 ? 611 VAL A CG1 1 
ATOM   511 C  CG2 . VAL A 1 73 ? 6.103   -4.542  -6.735  1.00 36.93 ? 611 VAL A CG2 1 
ATOM   512 N  N   . ALA A 1 74 ? 7.330   -1.362  -9.666  1.00 39.11 ? 612 ALA A N   1 
ATOM   513 C  CA  . ALA A 1 74 ? 8.108   -0.773  -10.742 1.00 39.67 ? 612 ALA A CA  1 
ATOM   514 C  C   . ALA A 1 74 ? 8.805   0.527   -10.342 1.00 39.21 ? 612 ALA A C   1 
ATOM   515 O  O   . ALA A 1 74 ? 10.022  0.664   -10.510 1.00 37.76 ? 612 ALA A O   1 
ATOM   516 C  CB  . ALA A 1 74 ? 7.216   -0.532  -11.941 1.00 40.25 ? 612 ALA A CB  1 
ATOM   517 N  N   . VAL A 1 75 ? 8.021   1.470   -9.821  1.00 40.17 ? 613 VAL A N   1 
ATOM   518 C  CA  . VAL A 1 75 ? 8.511   2.784   -9.416  1.00 40.01 ? 613 VAL A CA  1 
ATOM   519 C  C   . VAL A 1 75 ? 9.533   2.674   -8.316  1.00 41.14 ? 613 VAL A C   1 
ATOM   520 O  O   . VAL A 1 75 ? 10.553  3.364   -8.306  1.00 41.79 ? 613 VAL A O   1 
ATOM   521 C  CB  . VAL A 1 75 ? 7.359   3.675   -8.921  1.00 40.82 ? 613 VAL A CB  1 
ATOM   522 C  CG1 . VAL A 1 75 ? 7.868   5.075   -8.661  1.00 42.49 ? 613 VAL A CG1 1 
ATOM   523 C  CG2 . VAL A 1 75 ? 6.252   3.710   -9.948  1.00 40.56 ? 613 VAL A CG2 1 
ATOM   524 N  N   . LEU A 1 76 ? 9.242   1.788   -7.381  1.00 44.09 ? 614 LEU A N   1 
ATOM   525 C  CA  . LEU A 1 76 ? 10.117  1.544   -6.253  1.00 45.26 ? 614 LEU A CA  1 
ATOM   526 C  C   . LEU A 1 76 ? 11.510  1.151   -6.734  1.00 45.84 ? 614 LEU A C   1 
ATOM   527 O  O   . LEU A 1 76 ? 12.513  1.662   -6.240  1.00 46.06 ? 614 LEU A O   1 
ATOM   528 C  CB  . LEU A 1 76 ? 9.538   0.418   -5.405  1.00 47.23 ? 614 LEU A CB  1 
ATOM   529 C  CG  . LEU A 1 76 ? 9.785   0.482   -3.903  1.00 48.55 ? 614 LEU A CG  1 
ATOM   530 C  CD1 . LEU A 1 76 ? 9.286   -0.811  -3.268  1.00 52.01 ? 614 LEU A CD1 1 
ATOM   531 C  CD2 . LEU A 1 76 ? 11.261  0.686   -3.627  1.00 50.36 ? 614 LEU A CD2 1 
ATOM   532 N  N   . GLN A 1 77 ? 11.562  0.239   -7.701  1.00 47.35 ? 615 GLN A N   1 
ATOM   533 C  CA  . GLN A 1 77 ? 12.832  -0.241  -8.242  1.00 48.69 ? 615 GLN A CA  1 
ATOM   534 C  C   . GLN A 1 77 ? 13.536  0.768   -9.122  1.00 47.20 ? 615 GLN A C   1 
ATOM   535 O  O   . GLN A 1 77 ? 14.758  0.866   -9.101  1.00 46.69 ? 615 GLN A O   1 
ATOM   536 C  CB  . GLN A 1 77 ? 12.622  -1.504  -9.057  1.00 49.65 ? 615 GLN A CB  1 
ATOM   537 C  CG  . GLN A 1 77 ? 11.949  -2.617  -8.310  1.00 55.01 ? 615 GLN A CG  1 
ATOM   538 C  CD  . GLN A 1 77 ? 11.674  -3.806  -9.209  1.00 58.71 ? 615 GLN A CD  1 
ATOM   539 O  OE1 . GLN A 1 77 ? 11.205  -3.648  -10.344 1.00 59.85 ? 615 GLN A OE1 1 
ATOM   540 N  NE2 . GLN A 1 77 ? 11.956  -5.008  -8.709  1.00 60.37 ? 615 GLN A NE2 1 
ATOM   541 N  N   . ALA A 1 78 ? 12.761  1.495   -9.916  1.00 47.13 ? 616 ALA A N   1 
ATOM   542 C  CA  . ALA A 1 78 ? 13.328  2.490   -10.813 1.00 47.21 ? 616 ALA A CA  1 
ATOM   543 C  C   . ALA A 1 78 ? 13.952  3.589   -9.978  1.00 47.78 ? 616 ALA A C   1 
ATOM   544 O  O   . ALA A 1 78 ? 15.000  4.132   -10.320 1.00 48.43 ? 616 ALA A O   1 
ATOM   545 C  CB  . ALA A 1 78 ? 12.255  3.061   -11.704 1.00 46.45 ? 616 ALA A CB  1 
ATOM   546 N  N   . HIS A 1 79 ? 13.301  3.921   -8.875  1.00 48.02 ? 617 HIS A N   1 
ATOM   547 C  CA  . HIS A 1 79 ? 13.837  4.954   -8.019  1.00 48.41 ? 617 HIS A CA  1 
ATOM   548 C  C   . HIS A 1 79 ? 15.153  4.511   -7.430  1.00 50.51 ? 617 HIS A C   1 
ATOM   549 O  O   . HIS A 1 79 ? 16.181  5.142   -7.634  1.00 50.63 ? 617 HIS A O   1 
ATOM   550 C  CB  . HIS A 1 79 ? 12.892  5.270   -6.881  1.00 45.69 ? 617 HIS A CB  1 
ATOM   551 C  CG  . HIS A 1 79 ? 13.530  6.089   -5.816  1.00 42.89 ? 617 HIS A CG  1 
ATOM   552 N  ND1 . HIS A 1 79 ? 14.060  7.333   -6.065  1.00 42.20 ? 617 HIS A ND1 1 
ATOM   553 C  CD2 . HIS A 1 79 ? 13.788  5.820   -4.517  1.00 43.98 ? 617 HIS A CD2 1 
ATOM   554 C  CE1 . HIS A 1 79 ? 14.620  7.798   -4.963  1.00 43.75 ? 617 HIS A CE1 1 
ATOM   555 N  NE2 . HIS A 1 79 ? 14.470  6.898   -4.009  1.00 42.35 ? 617 HIS A NE2 1 
ATOM   556 N  N   . GLN A 1 80 ? 15.102  3.418   -6.681  1.00 53.88 ? 618 GLN A N   1 
ATOM   557 C  CA  . GLN A 1 80 ? 16.284  2.865   -6.042  1.00 57.04 ? 618 GLN A CA  1 
ATOM   558 C  C   . GLN A 1 80 ? 17.438  2.712   -7.011  1.00 58.05 ? 618 GLN A C   1 
ATOM   559 O  O   . GLN A 1 80 ? 18.571  3.078   -6.699  1.00 57.86 ? 618 GLN A O   1 
ATOM   560 C  CB  . GLN A 1 80 ? 15.937  1.520   -5.419  1.00 58.95 ? 618 GLN A CB  1 
ATOM   561 C  CG  . GLN A 1 80 ? 14.827  1.634   -4.390  1.00 63.29 ? 618 GLN A CG  1 
ATOM   562 C  CD  . GLN A 1 80 ? 14.489  0.311   -3.744  1.00 66.99 ? 618 GLN A CD  1 
ATOM   563 O  OE1 . GLN A 1 80 ? 13.991  -0.610  -4.405  1.00 69.26 ? 618 GLN A OE1 1 
ATOM   564 N  NE2 . GLN A 1 80 ? 14.765  0.201   -2.444  1.00 66.89 ? 618 GLN A NE2 1 
ATOM   565 N  N   . ALA A 1 81 ? 17.148  2.173   -8.188  1.00 59.77 ? 619 ALA A N   1 
ATOM   566 C  CA  . ALA A 1 81 ? 18.170  1.987   -9.209  1.00 62.18 ? 619 ALA A CA  1 
ATOM   567 C  C   . ALA A 1 81 ? 18.768  3.346   -9.581  1.00 64.21 ? 619 ALA A C   1 
ATOM   568 O  O   . ALA A 1 81 ? 19.963  3.462   -9.866  1.00 63.55 ? 619 ALA A O   1 
ATOM   569 C  CB  . ALA A 1 81 ? 17.564  1.320   -10.432 1.00 60.84 ? 619 ALA A CB  1 
ATOM   570 N  N   . LYS A 1 82 ? 17.927  4.375   -9.573  1.00 67.28 ? 620 LYS A N   1 
ATOM   571 C  CA  . LYS A 1 82 ? 18.363  5.729   -9.893  1.00 70.33 ? 620 LYS A CA  1 
ATOM   572 C  C   . LYS A 1 82 ? 19.379  6.185   -8.848  1.00 72.17 ? 620 LYS A C   1 
ATOM   573 O  O   . LYS A 1 82 ? 20.480  6.621   -9.185  1.00 72.40 ? 620 LYS A O   1 
ATOM   574 C  CB  . LYS A 1 82 ? 17.159  6.675   -9.898  1.00 70.88 ? 620 LYS A CB  1 
ATOM   575 C  CG  . LYS A 1 82 ? 17.506  8.156   -10.000 1.00 71.34 ? 620 LYS A CG  1 
ATOM   576 C  CD  . LYS A 1 82 ? 16.250  9.012   -9.851  1.00 71.09 ? 620 LYS A CD  1 
ATOM   577 C  CE  . LYS A 1 82 ? 16.533  10.503  -10.010 1.00 70.01 ? 620 LYS A CE  1 
ATOM   578 N  NZ  . LYS A 1 82 ? 15.270  11.298  -10.050 1.00 67.92 ? 620 LYS A NZ  1 
ATOM   579 N  N   . GLU A 1 83 ? 18.997  6.070   -7.581  1.00 74.27 ? 621 GLU A N   1 
ATOM   580 C  CA  . GLU A 1 83 ? 19.854  6.462   -6.467  1.00 77.35 ? 621 GLU A CA  1 
ATOM   581 C  C   . GLU A 1 83 ? 21.117  5.607   -6.400  1.00 78.55 ? 621 GLU A C   1 
ATOM   582 O  O   . GLU A 1 83 ? 21.985  5.840   -5.558  1.00 78.76 ? 621 GLU A O   1 
ATOM   583 C  CB  . GLU A 1 83 ? 19.094  6.329   -5.139  1.00 78.56 ? 621 GLU A CB  1 
ATOM   584 C  CG  . GLU A 1 83 ? 17.806  7.144   -5.040  1.00 79.00 ? 621 GLU A CG  1 
ATOM   585 C  CD  . GLU A 1 83 ? 18.040  8.648   -5.032  1.00 79.49 ? 621 GLU A CD  1 
ATOM   586 O  OE1 . GLU A 1 83 ? 17.053  9.395   -4.865  1.00 79.33 ? 621 GLU A OE1 1 
ATOM   587 O  OE2 . GLU A 1 83 ? 19.201  9.085   -5.192  1.00 79.65 ? 621 GLU A OE2 1 
ATOM   588 N  N   . ALA A 1 84 ? 21.212  4.616   -7.281  1.00 79.94 ? 622 ALA A N   1 
ATOM   589 C  CA  . ALA A 1 84 ? 22.362  3.721   -7.306  1.00 81.72 ? 622 ALA A CA  1 
ATOM   590 C  C   . ALA A 1 84 ? 23.390  4.132   -8.345  1.00 83.39 ? 622 ALA A C   1 
ATOM   591 O  O   . ALA A 1 84 ? 24.590  4.119   -8.079  1.00 83.42 ? 622 ALA A O   1 
ATOM   592 C  CB  . ALA A 1 84 ? 21.902  2.301   -7.576  1.00 81.49 ? 622 ALA A CB  1 
ATOM   593 N  N   . ALA A 1 85 ? 22.912  4.488   -9.532  1.00 85.76 ? 623 ALA A N   1 
ATOM   594 C  CA  . ALA A 1 85 ? 23.791  4.896   -10.623 1.00 87.48 ? 623 ALA A CA  1 
ATOM   595 C  C   . ALA A 1 85 ? 24.530  6.186   -10.289 1.00 88.51 ? 623 ALA A C   1 
ATOM   596 O  O   . ALA A 1 85 ? 25.744  6.287   -10.486 1.00 88.47 ? 623 ALA A O   1 
ATOM   597 C  CB  . ALA A 1 85 ? 22.982  5.075   -11.903 1.00 87.22 ? 623 ALA A CB  1 
ATOM   598 N  N   . GLN A 1 86 ? 23.792  7.169   -9.782  1.00 89.87 ? 624 GLN A N   1 
ATOM   599 C  CA  . GLN A 1 86 ? 24.374  8.458   -9.431  1.00 91.22 ? 624 GLN A CA  1 
ATOM   600 C  C   . GLN A 1 86 ? 24.777  8.580   -7.959  1.00 91.35 ? 624 GLN A C   1 
ATOM   601 O  O   . GLN A 1 86 ? 25.932  8.886   -7.651  1.00 91.24 ? 624 GLN A O   1 
ATOM   602 C  CB  . GLN A 1 86 ? 23.408  9.590   -9.829  1.00 92.37 ? 624 GLN A CB  1 
ATOM   603 C  CG  . GLN A 1 86 ? 21.936  9.358   -9.484  1.00 93.30 ? 624 GLN A CG  1 
ATOM   604 C  CD  . GLN A 1 86 ? 21.538  9.926   -8.131  1.00 94.32 ? 624 GLN A CD  1 
ATOM   605 O  OE1 . GLN A 1 86 ? 21.696  11.121  -7.875  1.00 95.23 ? 624 GLN A OE1 1 
ATOM   606 N  NE2 . GLN A 1 86 ? 21.008  9.073   -7.262  1.00 94.13 ? 624 GLN A NE2 1 
ATOM   607 N  N   . LYS A 1 87 ? 23.830  8.330   -7.059  1.00 91.48 ? 625 LYS A N   1 
ATOM   608 C  CA  . LYS A 1 87 ? 24.083  8.417   -5.620  1.00 91.35 ? 625 LYS A CA  1 
ATOM   609 C  C   . LYS A 1 87 ? 24.921  7.227   -5.145  1.00 91.02 ? 625 LYS A C   1 
ATOM   610 O  O   . LYS A 1 87 ? 25.015  7.024   -3.917  1.00 91.07 ? 625 LYS A O   1 
ATOM   611 C  CB  . LYS A 1 87 ? 22.751  8.470   -4.851  1.00 90.58 ? 625 LYS A CB  1 
ATOM   612 C  CG  . LYS A 1 87 ? 22.851  8.974   -3.410  1.00 90.33 ? 625 LYS A CG  1 
ATOM   613 C  CD  . LYS A 1 87 ? 21.482  9.010   -2.732  1.00 89.76 ? 625 LYS A CD  1 
ATOM   614 C  CE  . LYS A 1 87 ? 21.554  9.627   -1.342  1.00 89.48 ? 625 LYS A CE  1 
ATOM   615 N  NZ  . LYS A 1 87 ? 22.540  8.937   -0.461  1.00 90.72 ? 625 LYS A NZ  1 
ATOM   616 N  N   . ARG B 2 1  ? -2.941  8.225   -10.842 1.00 62.14 ? 67  ARG B N   1 
ATOM   617 C  CA  . ARG B 2 1  ? -2.099  7.163   -10.214 1.00 61.38 ? 67  ARG B CA  1 
ATOM   618 C  C   . ARG B 2 1  ? -0.667  7.655   -10.004 1.00 60.91 ? 67  ARG B C   1 
ATOM   619 O  O   . ARG B 2 1  ? 0.163   7.557   -10.908 1.00 61.22 ? 67  ARG B O   1 
ATOM   620 C  CB  . ARG B 2 1  ? -2.102  5.907   -11.097 1.00 60.43 ? 67  ARG B CB  1 
ATOM   621 N  N   . GLN B 2 2  ? -0.391  8.195   -8.814  1.00 59.17 ? 68  GLN B N   1 
ATOM   622 C  CA  . GLN B 2 2  ? 0.940   8.696   -8.462  1.00 56.52 ? 68  GLN B CA  1 
ATOM   623 C  C   . GLN B 2 2  ? 1.333   8.124   -7.097  1.00 55.05 ? 68  GLN B C   1 
ATOM   624 O  O   . GLN B 2 2  ? 0.570   8.229   -6.135  1.00 54.56 ? 68  GLN B O   1 
ATOM   625 C  CB  . GLN B 2 2  ? 0.936   10.219  -8.410  1.00 56.37 ? 68  GLN B CB  1 
ATOM   626 N  N   . LEU B 2 3  ? 2.517   7.522   -7.013  1.00 52.37 ? 69  LEU B N   1 
ATOM   627 C  CA  . LEU B 2 3  ? 2.976   6.920   -5.759  1.00 48.64 ? 69  LEU B CA  1 
ATOM   628 C  C   . LEU B 2 3  ? 4.242   7.514   -5.164  1.00 45.75 ? 69  LEU B C   1 
ATOM   629 O  O   . LEU B 2 3  ? 5.153   7.930   -5.877  1.00 44.20 ? 69  LEU B O   1 
ATOM   630 C  CB  . LEU B 2 3  ? 3.159   5.408   -5.937  1.00 48.27 ? 69  LEU B CB  1 
ATOM   631 C  CG  . LEU B 2 3  ? 1.917   4.545   -5.694  1.00 49.21 ? 69  LEU B CG  1 
ATOM   632 C  CD1 . LEU B 2 3  ? 0.716   5.133   -6.419  1.00 49.41 ? 69  LEU B CD1 1 
ATOM   633 C  CD2 . LEU B 2 3  ? 2.190   3.124   -6.158  1.00 49.03 ? 69  LEU B CD2 1 
ATOM   634 N  N   . ASN B 2 4  ? 4.293   7.544   -3.838  1.00 44.48 ? 70  ASN B N   1 
ATOM   635 C  CA  . ASN B 2 4  ? 5.447   8.085   -3.134  1.00 42.69 ? 70  ASN B CA  1 
ATOM   636 C  C   . ASN B 2 4  ? 6.366   6.956   -2.679  1.00 42.53 ? 70  ASN B C   1 
ATOM   637 O  O   . ASN B 2 4  ? 5.998   6.147   -1.831  1.00 43.07 ? 70  ASN B O   1 
ATOM   638 C  CB  . ASN B 2 4  ? 4.982   8.908   -1.935  1.00 41.13 ? 70  ASN B CB  1 
ATOM   639 C  CG  . ASN B 2 4  ? 6.126   9.586   -1.212  1.00 39.34 ? 70  ASN B CG  1 
ATOM   640 O  OD1 . ASN B 2 4  ? 7.193   9.800   -1.773  1.00 40.77 ? 70  ASN B OD1 1 
ATOM   641 N  ND2 . ASN B 2 4  ? 5.902   9.940   0.039   1.00 40.31 ? 70  ASN B ND2 1 
ATOM   642 N  N   . VAL B 2 5  ? 7.558   6.909   -3.261  1.00 41.34 ? 71  VAL B N   1 
ATOM   643 C  CA  . VAL B 2 5  ? 8.551   5.888   -2.931  1.00 40.83 ? 71  VAL B CA  1 
ATOM   644 C  C   . VAL B 2 5  ? 9.171   6.097   -1.559  1.00 39.46 ? 71  VAL B C   1 
ATOM   645 O  O   . VAL B 2 5  ? 9.889   5.240   -1.070  1.00 38.98 ? 71  VAL B O   1 
ATOM   646 C  CB  . VAL B 2 5  ? 9.698   5.847   -3.976  1.00 41.34 ? 71  VAL B CB  1 
ATOM   647 C  CG1 . VAL B 2 5  ? 9.194   5.231   -5.275  1.00 39.62 ? 71  VAL B CG1 1 
ATOM   648 C  CG2 . VAL B 2 5  ? 10.231  7.264   -4.236  1.00 39.89 ? 71  VAL B CG2 1 
ATOM   649 N  N   . ASN B 2 6  ? 8.895   7.241   -0.946  1.00 39.48 ? 72  ASN B N   1 
ATOM   650 C  CA  . ASN B 2 6  ? 9.425   7.531   0.380   1.00 39.77 ? 72  ASN B CA  1 
ATOM   651 C  C   . ASN B 2 6  ? 8.385   7.377   1.477   1.00 39.95 ? 72  ASN B C   1 
ATOM   652 O  O   . ASN B 2 6  ? 8.574   7.854   2.597   1.00 40.56 ? 72  ASN B O   1 
ATOM   653 C  CB  . ASN B 2 6  ? 9.993   8.945   0.441   1.00 40.31 ? 72  ASN B CB  1 
ATOM   654 C  CG  . ASN B 2 6  ? 11.309  9.066   -0.271  1.00 41.75 ? 72  ASN B CG  1 
ATOM   655 O  OD1 . ASN B 2 6  ? 12.196  8.211   -0.121  1.00 40.61 ? 72  ASN B OD1 1 
ATOM   656 N  ND2 . ASN B 2 6  ? 11.458  10.136  -1.046  1.00 38.96 ? 72  ASN B ND2 1 
ATOM   657 N  N   . ALA B 2 7  ? 7.282   6.720   1.154   1.00 40.61 ? 73  ALA B N   1 
ATOM   658 C  CA  . ALA B 2 7  ? 6.230   6.492   2.131   1.00 41.35 ? 73  ALA B CA  1 
ATOM   659 C  C   . ALA B 2 7  ? 6.759   5.551   3.220   1.00 42.49 ? 73  ALA B C   1 
ATOM   660 O  O   . ALA B 2 7  ? 7.507   4.613   2.936   1.00 42.77 ? 73  ALA B O   1 
ATOM   661 C  CB  . ALA B 2 7  ? 5.012   5.889   1.437   1.00 40.63 ? 73  ALA B CB  1 
ATOM   662 N  N   . LYS B 2 8  ? 6.379   5.817   4.467   1.00 43.72 ? 74  LYS B N   1 
ATOM   663 C  CA  . LYS B 2 8  ? 6.816   5.001   5.593   1.00 45.08 ? 74  LYS B CA  1 
ATOM   664 C  C   . LYS B 2 8  ? 6.242   3.596   5.474   1.00 44.81 ? 74  LYS B C   1 
ATOM   665 O  O   . LYS B 2 8  ? 5.036   3.427   5.242   1.00 45.29 ? 74  LYS B O   1 
ATOM   666 C  CB  . LYS B 2 8  ? 6.357   5.638   6.915   1.00 47.91 ? 74  LYS B CB  1 
ATOM   667 C  CG  . LYS B 2 8  ? 6.913   4.969   8.177   1.00 51.38 ? 74  LYS B CG  1 
ATOM   668 C  CD  . LYS B 2 8  ? 6.505   5.720   9.457   1.00 54.99 ? 74  LYS B CD  1 
ATOM   669 C  CE  . LYS B 2 8  ? 7.154   5.108   10.704  1.00 56.21 ? 74  LYS B CE  1 
ATOM   670 N  NZ  . LYS B 2 8  ? 6.860   5.871   11.959  1.00 58.75 ? 74  LYS B NZ  1 
ATOM   671 N  N   . PRO B 2 9  ? 7.093   2.562   5.630   1.00 43.18 ? 75  PRO B N   1 
ATOM   672 C  CA  . PRO B 2 9  ? 6.630   1.172   5.536   1.00 41.61 ? 75  PRO B CA  1 
ATOM   673 C  C   . PRO B 2 9  ? 5.564   0.890   6.588   1.00 40.80 ? 75  PRO B C   1 
ATOM   674 O  O   . PRO B 2 9  ? 5.612   1.454   7.684   1.00 41.42 ? 75  PRO B O   1 
ATOM   675 C  CB  . PRO B 2 9  ? 7.904   0.364   5.788   1.00 40.24 ? 75  PRO B CB  1 
ATOM   676 C  CG  . PRO B 2 9  ? 8.973   1.259   5.306   1.00 40.95 ? 75  PRO B CG  1 
ATOM   677 C  CD  . PRO B 2 9  ? 8.549   2.605   5.833   1.00 42.40 ? 75  PRO B CD  1 
ATOM   678 N  N   . PHE B 2 10 ? 4.601   0.038   6.252   1.00 39.35 ? 76  PHE B N   1 
ATOM   679 C  CA  . PHE B 2 10 ? 3.546   -0.337  7.198   1.00 38.99 ? 76  PHE B CA  1 
ATOM   680 C  C   . PHE B 2 10 ? 4.036   -1.554  8.001   1.00 40.21 ? 76  PHE B C   1 
ATOM   681 O  O   . PHE B 2 10 ? 4.882   -2.309  7.529   1.00 38.02 ? 76  PHE B O   1 
ATOM   682 C  CB  . PHE B 2 10 ? 2.256   -0.714  6.448   1.00 38.07 ? 76  PHE B CB  1 
ATOM   683 C  CG  . PHE B 2 10 ? 1.209   -1.388  7.317   1.00 38.48 ? 76  PHE B CG  1 
ATOM   684 C  CD1 . PHE B 2 10 ? 0.386   -0.645  8.154   1.00 37.77 ? 76  PHE B CD1 1 
ATOM   685 C  CD2 . PHE B 2 10 ? 1.061   -2.774  7.305   1.00 38.14 ? 76  PHE B CD2 1 
ATOM   686 C  CE1 . PHE B 2 10 ? -0.570  -1.270  8.966   1.00 37.99 ? 76  PHE B CE1 1 
ATOM   687 C  CE2 . PHE B 2 10 ? 0.109   -3.404  8.113   1.00 37.64 ? 76  PHE B CE2 1 
ATOM   688 C  CZ  . PHE B 2 10 ? -0.706  -2.652  8.942   1.00 37.40 ? 76  PHE B CZ  1 
ATOM   689 N  N   . VAL B 2 11 ? 3.517   -1.728  9.215   1.00 43.50 ? 77  VAL B N   1 
ATOM   690 C  CA  . VAL B 2 11 ? 3.886   -2.875  10.041  1.00 45.63 ? 77  VAL B CA  1 
ATOM   691 C  C   . VAL B 2 11 ? 2.630   -3.506  10.640  1.00 46.37 ? 77  VAL B C   1 
ATOM   692 O  O   . VAL B 2 11 ? 1.813   -2.835  11.285  1.00 45.66 ? 77  VAL B O   1 
ATOM   693 C  CB  . VAL B 2 11 ? 4.841   -2.499  11.200  1.00 48.65 ? 77  VAL B CB  1 
ATOM   694 C  CG1 . VAL B 2 11 ? 5.331   -3.775  11.893  1.00 49.86 ? 77  VAL B CG1 1 
ATOM   695 C  CG2 . VAL B 2 11 ? 6.028   -1.688  10.676  1.00 49.02 ? 77  VAL B CG2 1 
ATOM   696 N  N   . PRO B 2 12 ? 2.457   -4.812  10.416  1.00 46.08 ? 78  PRO B N   1 
ATOM   697 C  CA  . PRO B 2 12 ? 1.315   -5.583  10.909  1.00 47.39 ? 78  PRO B CA  1 
ATOM   698 C  C   . PRO B 2 12 ? 1.110   -5.533  12.428  1.00 48.56 ? 78  PRO B C   1 
ATOM   699 O  O   . PRO B 2 12 ? 2.000   -5.120  13.176  1.00 48.68 ? 78  PRO B O   1 
ATOM   700 C  CB  . PRO B 2 12 ? 1.612   -6.992  10.394  1.00 47.09 ? 78  PRO B CB  1 
ATOM   701 C  CG  . PRO B 2 12 ? 3.130   -7.001  10.231  1.00 46.67 ? 78  PRO B CG  1 
ATOM   702 C  CD  . PRO B 2 12 ? 3.374   -5.662  9.636   1.00 45.90 ? 78  PRO B CD  1 
ATOM   703 N  N   . ASN B 2 13 ? -0.075  -5.952  12.869  1.00 49.96 ? 79  ASN B N   1 
ATOM   704 C  CA  . ASN B 2 13 ? -0.431  -5.980  14.288  1.00 51.61 ? 79  ASN B CA  1 
ATOM   705 C  C   . ASN B 2 13 ? -1.473  -7.069  14.576  1.00 52.23 ? 79  ASN B C   1 
ATOM   706 O  O   . ASN B 2 13 ? -2.644  -6.700  14.782  1.00 53.01 ? 79  ASN B O   1 
ATOM   707 C  CB  . ASN B 2 13 ? -0.966  -4.612  14.725  1.00 51.43 ? 79  ASN B CB  1 
HETATM 708 ZN ZN  . ZN  C 3 .  ? 13.047  8.848   -7.136  1.00 47.27 ? 1   ZN  A ZN  1 
HETATM 709 S  S   . SO4 D 4 .  ? 9.807   -9.839  -2.842  1.00 50.74 ? 627 SO4 A S   1 
HETATM 710 O  O1  . SO4 D 4 .  ? 10.298  -11.075 -2.177  1.00 50.55 ? 627 SO4 A O1  1 
HETATM 711 O  O2  . SO4 D 4 .  ? 10.950  -9.067  -3.379  1.00 51.26 ? 627 SO4 A O2  1 
HETATM 712 O  O3  . SO4 D 4 .  ? 8.894   -10.210 -3.940  1.00 50.32 ? 627 SO4 A O3  1 
HETATM 713 O  O4  . SO4 D 4 .  ? 9.085   -8.988  -1.872  1.00 50.85 ? 627 SO4 A O4  1 
HETATM 714 O  O   . HOH E 5 .  ? 0.814   -13.454 3.193   1.00 27.36 ? 3   HOH A O   1 
HETATM 715 O  O   . HOH E 5 .  ? -15.228 2.211   -2.174  0.50 22.53 ? 4   HOH A O   1 
HETATM 716 O  O   . HOH E 5 .  ? -8.544  10.903  0.212   1.00 48.07 ? 5   HOH A O   1 
HETATM 717 O  O   . HOH E 5 .  ? 7.888   -6.172  5.167   1.00 39.31 ? 6   HOH A O   1 
HETATM 718 O  O   . HOH E 5 .  ? 3.257   -8.247  -8.114  1.00 31.31 ? 8   HOH A O   1 
HETATM 719 O  O   . HOH E 5 .  ? 2.976   -16.265 -1.037  1.00 28.11 ? 9   HOH A O   1 
HETATM 720 O  O   . HOH E 5 .  ? -7.967  -7.518  -3.183  1.00 40.22 ? 10  HOH A O   1 
HETATM 721 O  O   . HOH E 5 .  ? 8.957   -3.609  2.583   1.00 35.35 ? 11  HOH A O   1 
HETATM 722 O  O   . HOH E 5 .  ? -10.408 -9.115  -2.315  1.00 43.35 ? 12  HOH A O   1 
HETATM 723 O  O   . HOH E 5 .  ? 2.227   1.247   10.538  1.00 41.64 ? 13  HOH A O   1 
HETATM 724 O  O   . HOH E 5 .  ? -7.555  7.693   -8.671  1.00 39.42 ? 14  HOH A O   1 
HETATM 725 O  O   . HOH E 5 .  ? -9.923  1.491   -7.281  1.00 47.24 ? 15  HOH A O   1 
HETATM 726 O  O   . HOH E 5 .  ? -11.038 9.067   0.124   1.00 64.28 ? 16  HOH A O   1 
HETATM 727 O  O   . HOH E 5 .  ? -8.050  9.420   -6.902  1.00 36.47 ? 628 HOH A O   1 
HETATM 728 O  O   . HOH F 5 .  ? 8.464   9.301   4.361   1.00 50.35 ? 2   HOH B O   1 
HETATM 729 O  O   . HOH F 5 .  ? -5.205  5.503   -10.659 1.00 29.64 ? 7   HOH B O   1 
# 
loop_
_pdbx_poly_seq_scheme.asym_id 
_pdbx_poly_seq_scheme.entity_id 
_pdbx_poly_seq_scheme.seq_id 
_pdbx_poly_seq_scheme.mon_id 
_pdbx_poly_seq_scheme.ndb_seq_num 
_pdbx_poly_seq_scheme.pdb_seq_num 
_pdbx_poly_seq_scheme.auth_seq_num 
_pdbx_poly_seq_scheme.pdb_mon_id 
_pdbx_poly_seq_scheme.auth_mon_id 
_pdbx_poly_seq_scheme.pdb_strand_id 
_pdbx_poly_seq_scheme.pdb_ins_code 
_pdbx_poly_seq_scheme.hetero 
A 1 1  GLY 1  539 ?   ?   ?   A . n 
A 1 2  PRO 2  540 ?   ?   ?   A . n 
A 1 3  LEU 3  541 ?   ?   ?   A . n 
A 1 4  GLY 4  542 ?   ?   ?   A . n 
A 1 5  SER 5  543 ?   ?   ?   A . n 
A 1 6  PRO 6  544 ?   ?   ?   A . n 
A 1 7  LEU 7  545 545 LEU LEU A . n 
A 1 8  THR 8  546 546 THR THR A . n 
A 1 9  ALA 9  547 547 ALA ALA A . n 
A 1 10 SER 10 548 548 SER SER A . n 
A 1 11 MET 11 549 549 MET MET A . n 
A 1 12 LEU 12 550 550 LEU LEU A . n 
A 1 13 ALA 13 551 551 ALA ALA A . n 
A 1 14 SER 14 552 552 SER SER A . n 
A 1 15 ALA 15 553 553 ALA ALA A . n 
A 1 16 PRO 16 554 554 PRO PRO A . n 
A 1 17 PRO 17 555 555 PRO PRO A . n 
A 1 18 GLN 18 556 556 GLN GLN A . n 
A 1 19 GLU 19 557 557 GLU GLU A . n 
A 1 20 GLN 20 558 558 GLN GLN A . n 
A 1 21 LYS 21 559 559 LYS LYS A . n 
A 1 22 GLN 22 560 560 GLN GLN A . n 
A 1 23 MET 23 561 561 MET MET A . n 
A 1 24 LEU 24 562 562 LEU LEU A . n 
A 1 25 GLY 25 563 563 GLY GLY A . n 
A 1 26 GLU 26 564 564 GLU GLU A . n 
A 1 27 ARG 27 565 565 ARG ARG A . n 
A 1 28 LEU 28 566 566 LEU LEU A . n 
A 1 29 PHE 29 567 567 PHE PHE A . n 
A 1 30 PRO 30 568 568 PRO PRO A . n 
A 1 31 LEU 31 569 569 LEU LEU A . n 
A 1 32 ILE 32 570 570 ILE ILE A . n 
A 1 33 GLN 33 571 571 GLN GLN A . n 
A 1 34 ALA 34 572 572 ALA ALA A . n 
A 1 35 MET 35 573 573 MET MET A . n 
A 1 36 HIS 36 574 574 HIS HIS A . n 
A 1 37 PRO 37 575 575 PRO PRO A . n 
A 1 38 THR 38 576 576 THR THR A . n 
A 1 39 LEU 39 577 577 LEU LEU A . n 
A 1 40 ALA 40 578 578 ALA ALA A . n 
A 1 41 GLY 41 579 579 GLY GLY A . n 
A 1 42 LYS 42 580 580 LYS LYS A . n 
A 1 43 ILE 43 581 581 ILE ILE A . n 
A 1 44 THR 44 582 582 THR THR A . n 
A 1 45 GLY 45 583 583 GLY GLY A . n 
A 1 46 MET 46 584 584 MET MET A . n 
A 1 47 LEU 47 585 585 LEU LEU A . n 
A 1 48 LEU 48 586 586 LEU LEU A . n 
A 1 49 GLU 49 587 587 GLU GLU A . n 
A 1 50 ILE 50 588 588 ILE ILE A . n 
A 1 51 ASP 51 589 589 ASP ASP A . n 
A 1 52 ASN 52 590 590 ASN ASN A . n 
A 1 53 SER 53 591 591 SER SER A . n 
A 1 54 GLU 54 592 592 GLU GLU A . n 
A 1 55 LEU 55 593 593 LEU LEU A . n 
A 1 56 LEU 56 594 594 LEU LEU A . n 
A 1 57 HIS 57 595 595 HIS HIS A . n 
A 1 58 MET 58 596 596 MET MET A . n 
A 1 59 LEU 59 597 597 LEU LEU A . n 
A 1 60 GLU 60 598 598 GLU GLU A . n 
A 1 61 SER 61 599 599 SER SER A . n 
A 1 62 PRO 62 600 600 PRO PRO A . n 
A 1 63 GLU 63 601 601 GLU GLU A . n 
A 1 64 SER 64 602 602 SER SER A . n 
A 1 65 LEU 65 603 603 LEU LEU A . n 
A 1 66 ARG 66 604 604 ARG ARG A . n 
A 1 67 SER 67 605 605 SER SER A . n 
A 1 68 LYS 68 606 606 LYS LYS A . n 
A 1 69 VAL 69 607 607 VAL VAL A . n 
A 1 70 ASP 70 608 608 ASP ASP A . n 
A 1 71 GLU 71 609 609 GLU GLU A . n 
A 1 72 ALA 72 610 610 ALA ALA A . n 
A 1 73 VAL 73 611 611 VAL VAL A . n 
A 1 74 ALA 74 612 612 ALA ALA A . n 
A 1 75 VAL 75 613 613 VAL VAL A . n 
A 1 76 LEU 76 614 614 LEU LEU A . n 
A 1 77 GLN 77 615 615 GLN GLN A . n 
A 1 78 ALA 78 616 616 ALA ALA A . n 
A 1 79 HIS 79 617 617 HIS HIS A . n 
A 1 80 GLN 80 618 618 GLN GLN A . n 
A 1 81 ALA 81 619 619 ALA ALA A . n 
A 1 82 LYS 82 620 620 LYS LYS A . n 
A 1 83 GLU 83 621 621 GLU GLU A . n 
A 1 84 ALA 84 622 622 ALA ALA A . n 
A 1 85 ALA 85 623 623 ALA ALA A . n 
A 1 86 GLN 86 624 624 GLN GLN A . n 
A 1 87 LYS 87 625 625 LYS LYS A . n 
A 1 88 ALA 88 626 ?   ?   ?   A . n 
B 2 1  ARG 1  67  67  ARG ALA B . n 
B 2 2  GLN 2  68  68  GLN ALA B . n 
B 2 3  LEU 3  69  69  LEU LEU B . n 
B 2 4  ASN 4  70  70  ASN ASN B . n 
B 2 5  VAL 5  71  71  VAL VAL B . n 
B 2 6  ASN 6  72  72  ASN ASN B . n 
B 2 7  ALA 7  73  73  ALA ALA B . n 
B 2 8  LYS 8  74  74  LYS LYS B . n 
B 2 9  PRO 9  75  75  PRO PRO B . n 
B 2 10 PHE 10 76  76  PHE PHE B . n 
B 2 11 VAL 11 77  77  VAL VAL B . n 
B 2 12 PRO 12 78  78  PRO PRO B . n 
B 2 13 ASN 13 79  79  ASN ALA B . n 
B 2 14 VAL 14 80  ?   ?   ?   B . n 
B 2 15 HIS 15 81  ?   ?   ?   B . n 
# 
loop_
_pdbx_nonpoly_scheme.asym_id 
_pdbx_nonpoly_scheme.entity_id 
_pdbx_nonpoly_scheme.mon_id 
_pdbx_nonpoly_scheme.ndb_seq_num 
_pdbx_nonpoly_scheme.pdb_seq_num 
_pdbx_nonpoly_scheme.auth_seq_num 
_pdbx_nonpoly_scheme.pdb_mon_id 
_pdbx_nonpoly_scheme.auth_mon_id 
_pdbx_nonpoly_scheme.pdb_strand_id 
_pdbx_nonpoly_scheme.pdb_ins_code 
C 3 ZN  1  1   1  ZN  ZN  A . 
D 4 SO4 1  627 1  SO4 SO4 A . 
E 5 HOH 1  3   3  HOH HOH A . 
E 5 HOH 2  4   4  HOH HOH A . 
E 5 HOH 3  5   5  HOH HOH A . 
E 5 HOH 4  6   6  HOH HOH A . 
E 5 HOH 5  8   8  HOH HOH A . 
E 5 HOH 6  9   9  HOH HOH A . 
E 5 HOH 7  10  10 HOH HOH A . 
E 5 HOH 8  11  11 HOH HOH A . 
E 5 HOH 9  12  12 HOH HOH A . 
E 5 HOH 10 13  13 HOH HOH A . 
E 5 HOH 11 14  14 HOH HOH A . 
E 5 HOH 12 15  15 HOH HOH A . 
E 5 HOH 13 16  16 HOH HOH A . 
E 5 HOH 14 628 1  HOH HOH A . 
F 5 HOH 1  2   2  HOH HOH B . 
F 5 HOH 2  7   7  HOH HOH B . 
# 
_pdbx_struct_assembly.id                   1 
_pdbx_struct_assembly.details              author_and_software_defined_assembly 
_pdbx_struct_assembly.method_details       PISA 
_pdbx_struct_assembly.oligomeric_details   dimeric 
_pdbx_struct_assembly.oligomeric_count     2 
# 
_pdbx_struct_assembly_gen.assembly_id       1 
_pdbx_struct_assembly_gen.oper_expression   1 
_pdbx_struct_assembly_gen.asym_id_list      A,B,C,D,E,F 
# 
loop_
_pdbx_struct_assembly_prop.biol_id 
_pdbx_struct_assembly_prop.type 
_pdbx_struct_assembly_prop.value 
_pdbx_struct_assembly_prop.details 
1 'ABSA (A^2)' 1550 ? 
1 MORE         -47  ? 
1 'SSA (A^2)'  5770 ? 
# 
_pdbx_struct_oper_list.id                   1 
_pdbx_struct_oper_list.type                 'identity operation' 
_pdbx_struct_oper_list.name                 1_555 
_pdbx_struct_oper_list.symmetry_operation   x,y,z 
_pdbx_struct_oper_list.matrix[1][1]         1.0000000000 
_pdbx_struct_oper_list.matrix[1][2]         0.0000000000 
_pdbx_struct_oper_list.matrix[1][3]         0.0000000000 
_pdbx_struct_oper_list.vector[1]            0.0000000000 
_pdbx_struct_oper_list.matrix[2][1]         0.0000000000 
_pdbx_struct_oper_list.matrix[2][2]         1.0000000000 
_pdbx_struct_oper_list.matrix[2][3]         0.0000000000 
_pdbx_struct_oper_list.vector[2]            0.0000000000 
_pdbx_struct_oper_list.matrix[3][1]         0.0000000000 
_pdbx_struct_oper_list.matrix[3][2]         0.0000000000 
_pdbx_struct_oper_list.matrix[3][3]         1.0000000000 
_pdbx_struct_oper_list.vector[3]            0.0000000000 
# 
_pdbx_struct_special_symmetry.id              1 
_pdbx_struct_special_symmetry.PDB_model_num   1 
_pdbx_struct_special_symmetry.auth_asym_id    A 
_pdbx_struct_special_symmetry.auth_comp_id    HOH 
_pdbx_struct_special_symmetry.auth_seq_id     4 
_pdbx_struct_special_symmetry.PDB_ins_code    ? 
_pdbx_struct_special_symmetry.label_asym_id   E 
_pdbx_struct_special_symmetry.label_comp_id   HOH 
_pdbx_struct_special_symmetry.label_seq_id    . 
# 
loop_
_pdbx_audit_revision_history.ordinal 
_pdbx_audit_revision_history.data_content_type 
_pdbx_audit_revision_history.major_revision 
_pdbx_audit_revision_history.minor_revision 
_pdbx_audit_revision_history.revision_date 
1 'Structure model' 1 0 2010-05-12 
2 'Structure model' 1 1 2011-07-13 
3 'Structure model' 1 2 2023-09-06 
# 
_pdbx_audit_revision_details.ordinal             1 
_pdbx_audit_revision_details.revision_ordinal    1 
_pdbx_audit_revision_details.data_content_type   'Structure model' 
_pdbx_audit_revision_details.provider            repository 
_pdbx_audit_revision_details.type                'Initial release' 
_pdbx_audit_revision_details.description         ? 
_pdbx_audit_revision_details.details             ? 
# 
loop_
_pdbx_audit_revision_group.ordinal 
_pdbx_audit_revision_group.revision_ordinal 
_pdbx_audit_revision_group.data_content_type 
_pdbx_audit_revision_group.group 
1 2 'Structure model' 'Version format compliance' 
2 3 'Structure model' 'Data collection'           
3 3 'Structure model' 'Database references'       
4 3 'Structure model' 'Derived calculations'      
5 3 'Structure model' 'Refinement description'    
# 
loop_
_pdbx_audit_revision_category.ordinal 
_pdbx_audit_revision_category.revision_ordinal 
_pdbx_audit_revision_category.data_content_type 
_pdbx_audit_revision_category.category 
1 3 'Structure model' chem_comp_atom                
2 3 'Structure model' chem_comp_bond                
3 3 'Structure model' database_2                    
4 3 'Structure model' pdbx_initial_refinement_model 
5 3 'Structure model' struct_ref_seq_dif            
6 3 'Structure model' struct_site                   
# 
loop_
_pdbx_audit_revision_item.ordinal 
_pdbx_audit_revision_item.revision_ordinal 
_pdbx_audit_revision_item.data_content_type 
_pdbx_audit_revision_item.item 
1 3 'Structure model' '_database_2.pdbx_DOI'                
2 3 'Structure model' '_database_2.pdbx_database_accession' 
3 3 'Structure model' '_struct_ref_seq_dif.details'         
4 3 'Structure model' '_struct_site.pdbx_auth_asym_id'      
5 3 'Structure model' '_struct_site.pdbx_auth_comp_id'      
6 3 'Structure model' '_struct_site.pdbx_auth_seq_id'       
# 
loop_
_software.name 
_software.classification 
_software.version 
_software.citation_id 
_software.pdbx_ordinal 
CrystalClear 'data collection' .   ? 1 
PHASER       phasing           .   ? 2 
CNS          refinement        1.1 ? 3 
HKL-2000     'data reduction'  .   ? 4 
HKL-2000     'data scaling'    .   ? 5 
# 
loop_
_pdbx_validate_torsion.id 
_pdbx_validate_torsion.PDB_model_num 
_pdbx_validate_torsion.auth_comp_id 
_pdbx_validate_torsion.auth_asym_id 
_pdbx_validate_torsion.auth_seq_id 
_pdbx_validate_torsion.PDB_ins_code 
_pdbx_validate_torsion.label_alt_id 
_pdbx_validate_torsion.phi 
_pdbx_validate_torsion.psi 
1 1 PRO A 555 ? ? -35.31 -76.38 
2 1 LEU A 586 ? ? -68.69 5.22   
# 
loop_
_pdbx_unobs_or_zero_occ_atoms.id 
_pdbx_unobs_or_zero_occ_atoms.PDB_model_num 
_pdbx_unobs_or_zero_occ_atoms.polymer_flag 
_pdbx_unobs_or_zero_occ_atoms.occupancy_flag 
_pdbx_unobs_or_zero_occ_atoms.auth_asym_id 
_pdbx_unobs_or_zero_occ_atoms.auth_comp_id 
_pdbx_unobs_or_zero_occ_atoms.auth_seq_id 
_pdbx_unobs_or_zero_occ_atoms.PDB_ins_code 
_pdbx_unobs_or_zero_occ_atoms.auth_atom_id 
_pdbx_unobs_or_zero_occ_atoms.label_alt_id 
_pdbx_unobs_or_zero_occ_atoms.label_asym_id 
_pdbx_unobs_or_zero_occ_atoms.label_comp_id 
_pdbx_unobs_or_zero_occ_atoms.label_seq_id 
_pdbx_unobs_or_zero_occ_atoms.label_atom_id 
1  1 Y 1 B ARG 67 ? CG  ? B ARG 1  CG  
2  1 Y 1 B ARG 67 ? CD  ? B ARG 1  CD  
3  1 Y 1 B ARG 67 ? NE  ? B ARG 1  NE  
4  1 Y 1 B ARG 67 ? CZ  ? B ARG 1  CZ  
5  1 Y 1 B ARG 67 ? NH1 ? B ARG 1  NH1 
6  1 Y 1 B ARG 67 ? NH2 ? B ARG 1  NH2 
7  1 Y 1 B GLN 68 ? CG  ? B GLN 2  CG  
8  1 Y 1 B GLN 68 ? CD  ? B GLN 2  CD  
9  1 Y 1 B GLN 68 ? OE1 ? B GLN 2  OE1 
10 1 Y 1 B GLN 68 ? NE2 ? B GLN 2  NE2 
11 1 Y 1 B ASN 79 ? CG  ? B ASN 13 CG  
12 1 Y 1 B ASN 79 ? OD1 ? B ASN 13 OD1 
13 1 Y 1 B ASN 79 ? ND2 ? B ASN 13 ND2 
# 
loop_
_pdbx_unobs_or_zero_occ_residues.id 
_pdbx_unobs_or_zero_occ_residues.PDB_model_num 
_pdbx_unobs_or_zero_occ_residues.polymer_flag 
_pdbx_unobs_or_zero_occ_residues.occupancy_flag 
_pdbx_unobs_or_zero_occ_residues.auth_asym_id 
_pdbx_unobs_or_zero_occ_residues.auth_comp_id 
_pdbx_unobs_or_zero_occ_residues.auth_seq_id 
_pdbx_unobs_or_zero_occ_residues.PDB_ins_code 
_pdbx_unobs_or_zero_occ_residues.label_asym_id 
_pdbx_unobs_or_zero_occ_residues.label_comp_id 
_pdbx_unobs_or_zero_occ_residues.label_seq_id 
1 1 Y 1 A GLY 539 ? A GLY 1  
2 1 Y 1 A PRO 540 ? A PRO 2  
3 1 Y 1 A LEU 541 ? A LEU 3  
4 1 Y 1 A GLY 542 ? A GLY 4  
5 1 Y 1 A SER 543 ? A SER 5  
6 1 Y 1 A PRO 544 ? A PRO 6  
7 1 Y 1 A ALA 626 ? A ALA 88 
8 1 Y 1 B VAL 80  ? B VAL 14 
9 1 Y 1 B HIS 81  ? B HIS 15 
# 
loop_
_chem_comp_atom.comp_id 
_chem_comp_atom.atom_id 
_chem_comp_atom.type_symbol 
_chem_comp_atom.pdbx_aromatic_flag 
_chem_comp_atom.pdbx_stereo_config 
_chem_comp_atom.pdbx_ordinal 
ALA N    N  N N 1   
ALA CA   C  N S 2   
ALA C    C  N N 3   
ALA O    O  N N 4   
ALA CB   C  N N 5   
ALA OXT  O  N N 6   
ALA H    H  N N 7   
ALA H2   H  N N 8   
ALA HA   H  N N 9   
ALA HB1  H  N N 10  
ALA HB2  H  N N 11  
ALA HB3  H  N N 12  
ALA HXT  H  N N 13  
ARG N    N  N N 14  
ARG CA   C  N S 15  
ARG C    C  N N 16  
ARG O    O  N N 17  
ARG CB   C  N N 18  
ARG CG   C  N N 19  
ARG CD   C  N N 20  
ARG NE   N  N N 21  
ARG CZ   C  N N 22  
ARG NH1  N  N N 23  
ARG NH2  N  N N 24  
ARG OXT  O  N N 25  
ARG H    H  N N 26  
ARG H2   H  N N 27  
ARG HA   H  N N 28  
ARG HB2  H  N N 29  
ARG HB3  H  N N 30  
ARG HG2  H  N N 31  
ARG HG3  H  N N 32  
ARG HD2  H  N N 33  
ARG HD3  H  N N 34  
ARG HE   H  N N 35  
ARG HH11 H  N N 36  
ARG HH12 H  N N 37  
ARG HH21 H  N N 38  
ARG HH22 H  N N 39  
ARG HXT  H  N N 40  
ASN N    N  N N 41  
ASN CA   C  N S 42  
ASN C    C  N N 43  
ASN O    O  N N 44  
ASN CB   C  N N 45  
ASN CG   C  N N 46  
ASN OD1  O  N N 47  
ASN ND2  N  N N 48  
ASN OXT  O  N N 49  
ASN H    H  N N 50  
ASN H2   H  N N 51  
ASN HA   H  N N 52  
ASN HB2  H  N N 53  
ASN HB3  H  N N 54  
ASN HD21 H  N N 55  
ASN HD22 H  N N 56  
ASN HXT  H  N N 57  
ASP N    N  N N 58  
ASP CA   C  N S 59  
ASP C    C  N N 60  
ASP O    O  N N 61  
ASP CB   C  N N 62  
ASP CG   C  N N 63  
ASP OD1  O  N N 64  
ASP OD2  O  N N 65  
ASP OXT  O  N N 66  
ASP H    H  N N 67  
ASP H2   H  N N 68  
ASP HA   H  N N 69  
ASP HB2  H  N N 70  
ASP HB3  H  N N 71  
ASP HD2  H  N N 72  
ASP HXT  H  N N 73  
GLN N    N  N N 74  
GLN CA   C  N S 75  
GLN C    C  N N 76  
GLN O    O  N N 77  
GLN CB   C  N N 78  
GLN CG   C  N N 79  
GLN CD   C  N N 80  
GLN OE1  O  N N 81  
GLN NE2  N  N N 82  
GLN OXT  O  N N 83  
GLN H    H  N N 84  
GLN H2   H  N N 85  
GLN HA   H  N N 86  
GLN HB2  H  N N 87  
GLN HB3  H  N N 88  
GLN HG2  H  N N 89  
GLN HG3  H  N N 90  
GLN HE21 H  N N 91  
GLN HE22 H  N N 92  
GLN HXT  H  N N 93  
GLU N    N  N N 94  
GLU CA   C  N S 95  
GLU C    C  N N 96  
GLU O    O  N N 97  
GLU CB   C  N N 98  
GLU CG   C  N N 99  
GLU CD   C  N N 100 
GLU OE1  O  N N 101 
GLU OE2  O  N N 102 
GLU OXT  O  N N 103 
GLU H    H  N N 104 
GLU H2   H  N N 105 
GLU HA   H  N N 106 
GLU HB2  H  N N 107 
GLU HB3  H  N N 108 
GLU HG2  H  N N 109 
GLU HG3  H  N N 110 
GLU HE2  H  N N 111 
GLU HXT  H  N N 112 
GLY N    N  N N 113 
GLY CA   C  N N 114 
GLY C    C  N N 115 
GLY O    O  N N 116 
GLY OXT  O  N N 117 
GLY H    H  N N 118 
GLY H2   H  N N 119 
GLY HA2  H  N N 120 
GLY HA3  H  N N 121 
GLY HXT  H  N N 122 
HIS N    N  N N 123 
HIS CA   C  N S 124 
HIS C    C  N N 125 
HIS O    O  N N 126 
HIS CB   C  N N 127 
HIS CG   C  Y N 128 
HIS ND1  N  Y N 129 
HIS CD2  C  Y N 130 
HIS CE1  C  Y N 131 
HIS NE2  N  Y N 132 
HIS OXT  O  N N 133 
HIS H    H  N N 134 
HIS H2   H  N N 135 
HIS HA   H  N N 136 
HIS HB2  H  N N 137 
HIS HB3  H  N N 138 
HIS HD1  H  N N 139 
HIS HD2  H  N N 140 
HIS HE1  H  N N 141 
HIS HE2  H  N N 142 
HIS HXT  H  N N 143 
HOH O    O  N N 144 
HOH H1   H  N N 145 
HOH H2   H  N N 146 
ILE N    N  N N 147 
ILE CA   C  N S 148 
ILE C    C  N N 149 
ILE O    O  N N 150 
ILE CB   C  N S 151 
ILE CG1  C  N N 152 
ILE CG2  C  N N 153 
ILE CD1  C  N N 154 
ILE OXT  O  N N 155 
ILE H    H  N N 156 
ILE H2   H  N N 157 
ILE HA   H  N N 158 
ILE HB   H  N N 159 
ILE HG12 H  N N 160 
ILE HG13 H  N N 161 
ILE HG21 H  N N 162 
ILE HG22 H  N N 163 
ILE HG23 H  N N 164 
ILE HD11 H  N N 165 
ILE HD12 H  N N 166 
ILE HD13 H  N N 167 
ILE HXT  H  N N 168 
LEU N    N  N N 169 
LEU CA   C  N S 170 
LEU C    C  N N 171 
LEU O    O  N N 172 
LEU CB   C  N N 173 
LEU CG   C  N N 174 
LEU CD1  C  N N 175 
LEU CD2  C  N N 176 
LEU OXT  O  N N 177 
LEU H    H  N N 178 
LEU H2   H  N N 179 
LEU HA   H  N N 180 
LEU HB2  H  N N 181 
LEU HB3  H  N N 182 
LEU HG   H  N N 183 
LEU HD11 H  N N 184 
LEU HD12 H  N N 185 
LEU HD13 H  N N 186 
LEU HD21 H  N N 187 
LEU HD22 H  N N 188 
LEU HD23 H  N N 189 
LEU HXT  H  N N 190 
LYS N    N  N N 191 
LYS CA   C  N S 192 
LYS C    C  N N 193 
LYS O    O  N N 194 
LYS CB   C  N N 195 
LYS CG   C  N N 196 
LYS CD   C  N N 197 
LYS CE   C  N N 198 
LYS NZ   N  N N 199 
LYS OXT  O  N N 200 
LYS H    H  N N 201 
LYS H2   H  N N 202 
LYS HA   H  N N 203 
LYS HB2  H  N N 204 
LYS HB3  H  N N 205 
LYS HG2  H  N N 206 
LYS HG3  H  N N 207 
LYS HD2  H  N N 208 
LYS HD3  H  N N 209 
LYS HE2  H  N N 210 
LYS HE3  H  N N 211 
LYS HZ1  H  N N 212 
LYS HZ2  H  N N 213 
LYS HZ3  H  N N 214 
LYS HXT  H  N N 215 
MET N    N  N N 216 
MET CA   C  N S 217 
MET C    C  N N 218 
MET O    O  N N 219 
MET CB   C  N N 220 
MET CG   C  N N 221 
MET SD   S  N N 222 
MET CE   C  N N 223 
MET OXT  O  N N 224 
MET H    H  N N 225 
MET H2   H  N N 226 
MET HA   H  N N 227 
MET HB2  H  N N 228 
MET HB3  H  N N 229 
MET HG2  H  N N 230 
MET HG3  H  N N 231 
MET HE1  H  N N 232 
MET HE2  H  N N 233 
MET HE3  H  N N 234 
MET HXT  H  N N 235 
PHE N    N  N N 236 
PHE CA   C  N S 237 
PHE C    C  N N 238 
PHE O    O  N N 239 
PHE CB   C  N N 240 
PHE CG   C  Y N 241 
PHE CD1  C  Y N 242 
PHE CD2  C  Y N 243 
PHE CE1  C  Y N 244 
PHE CE2  C  Y N 245 
PHE CZ   C  Y N 246 
PHE OXT  O  N N 247 
PHE H    H  N N 248 
PHE H2   H  N N 249 
PHE HA   H  N N 250 
PHE HB2  H  N N 251 
PHE HB3  H  N N 252 
PHE HD1  H  N N 253 
PHE HD2  H  N N 254 
PHE HE1  H  N N 255 
PHE HE2  H  N N 256 
PHE HZ   H  N N 257 
PHE HXT  H  N N 258 
PRO N    N  N N 259 
PRO CA   C  N S 260 
PRO C    C  N N 261 
PRO O    O  N N 262 
PRO CB   C  N N 263 
PRO CG   C  N N 264 
PRO CD   C  N N 265 
PRO OXT  O  N N 266 
PRO H    H  N N 267 
PRO HA   H  N N 268 
PRO HB2  H  N N 269 
PRO HB3  H  N N 270 
PRO HG2  H  N N 271 
PRO HG3  H  N N 272 
PRO HD2  H  N N 273 
PRO HD3  H  N N 274 
PRO HXT  H  N N 275 
SER N    N  N N 276 
SER CA   C  N S 277 
SER C    C  N N 278 
SER O    O  N N 279 
SER CB   C  N N 280 
SER OG   O  N N 281 
SER OXT  O  N N 282 
SER H    H  N N 283 
SER H2   H  N N 284 
SER HA   H  N N 285 
SER HB2  H  N N 286 
SER HB3  H  N N 287 
SER HG   H  N N 288 
SER HXT  H  N N 289 
SO4 S    S  N N 290 
SO4 O1   O  N N 291 
SO4 O2   O  N N 292 
SO4 O3   O  N N 293 
SO4 O4   O  N N 294 
THR N    N  N N 295 
THR CA   C  N S 296 
THR C    C  N N 297 
THR O    O  N N 298 
THR CB   C  N R 299 
THR OG1  O  N N 300 
THR CG2  C  N N 301 
THR OXT  O  N N 302 
THR H    H  N N 303 
THR H2   H  N N 304 
THR HA   H  N N 305 
THR HB   H  N N 306 
THR HG1  H  N N 307 
THR HG21 H  N N 308 
THR HG22 H  N N 309 
THR HG23 H  N N 310 
THR HXT  H  N N 311 
VAL N    N  N N 312 
VAL CA   C  N S 313 
VAL C    C  N N 314 
VAL O    O  N N 315 
VAL CB   C  N N 316 
VAL CG1  C  N N 317 
VAL CG2  C  N N 318 
VAL OXT  O  N N 319 
VAL H    H  N N 320 
VAL H2   H  N N 321 
VAL HA   H  N N 322 
VAL HB   H  N N 323 
VAL HG11 H  N N 324 
VAL HG12 H  N N 325 
VAL HG13 H  N N 326 
VAL HG21 H  N N 327 
VAL HG22 H  N N 328 
VAL HG23 H  N N 329 
VAL HXT  H  N N 330 
ZN  ZN   ZN N N 331 
# 
loop_
_chem_comp_bond.comp_id 
_chem_comp_bond.atom_id_1 
_chem_comp_bond.atom_id_2 
_chem_comp_bond.value_order 
_chem_comp_bond.pdbx_aromatic_flag 
_chem_comp_bond.pdbx_stereo_config 
_chem_comp_bond.pdbx_ordinal 
ALA N   CA   sing N N 1   
ALA N   H    sing N N 2   
ALA N   H2   sing N N 3   
ALA CA  C    sing N N 4   
ALA CA  CB   sing N N 5   
ALA CA  HA   sing N N 6   
ALA C   O    doub N N 7   
ALA C   OXT  sing N N 8   
ALA CB  HB1  sing N N 9   
ALA CB  HB2  sing N N 10  
ALA CB  HB3  sing N N 11  
ALA OXT HXT  sing N N 12  
ARG N   CA   sing N N 13  
ARG N   H    sing N N 14  
ARG N   H2   sing N N 15  
ARG CA  C    sing N N 16  
ARG CA  CB   sing N N 17  
ARG CA  HA   sing N N 18  
ARG C   O    doub N N 19  
ARG C   OXT  sing N N 20  
ARG CB  CG   sing N N 21  
ARG CB  HB2  sing N N 22  
ARG CB  HB3  sing N N 23  
ARG CG  CD   sing N N 24  
ARG CG  HG2  sing N N 25  
ARG CG  HG3  sing N N 26  
ARG CD  NE   sing N N 27  
ARG CD  HD2  sing N N 28  
ARG CD  HD3  sing N N 29  
ARG NE  CZ   sing N N 30  
ARG NE  HE   sing N N 31  
ARG CZ  NH1  sing N N 32  
ARG CZ  NH2  doub N N 33  
ARG NH1 HH11 sing N N 34  
ARG NH1 HH12 sing N N 35  
ARG NH2 HH21 sing N N 36  
ARG NH2 HH22 sing N N 37  
ARG OXT HXT  sing N N 38  
ASN N   CA   sing N N 39  
ASN N   H    sing N N 40  
ASN N   H2   sing N N 41  
ASN CA  C    sing N N 42  
ASN CA  CB   sing N N 43  
ASN CA  HA   sing N N 44  
ASN C   O    doub N N 45  
ASN C   OXT  sing N N 46  
ASN CB  CG   sing N N 47  
ASN CB  HB2  sing N N 48  
ASN CB  HB3  sing N N 49  
ASN CG  OD1  doub N N 50  
ASN CG  ND2  sing N N 51  
ASN ND2 HD21 sing N N 52  
ASN ND2 HD22 sing N N 53  
ASN OXT HXT  sing N N 54  
ASP N   CA   sing N N 55  
ASP N   H    sing N N 56  
ASP N   H2   sing N N 57  
ASP CA  C    sing N N 58  
ASP CA  CB   sing N N 59  
ASP CA  HA   sing N N 60  
ASP C   O    doub N N 61  
ASP C   OXT  sing N N 62  
ASP CB  CG   sing N N 63  
ASP CB  HB2  sing N N 64  
ASP CB  HB3  sing N N 65  
ASP CG  OD1  doub N N 66  
ASP CG  OD2  sing N N 67  
ASP OD2 HD2  sing N N 68  
ASP OXT HXT  sing N N 69  
GLN N   CA   sing N N 70  
GLN N   H    sing N N 71  
GLN N   H2   sing N N 72  
GLN CA  C    sing N N 73  
GLN CA  CB   sing N N 74  
GLN CA  HA   sing N N 75  
GLN C   O    doub N N 76  
GLN C   OXT  sing N N 77  
GLN CB  CG   sing N N 78  
GLN CB  HB2  sing N N 79  
GLN CB  HB3  sing N N 80  
GLN CG  CD   sing N N 81  
GLN CG  HG2  sing N N 82  
GLN CG  HG3  sing N N 83  
GLN CD  OE1  doub N N 84  
GLN CD  NE2  sing N N 85  
GLN NE2 HE21 sing N N 86  
GLN NE2 HE22 sing N N 87  
GLN OXT HXT  sing N N 88  
GLU N   CA   sing N N 89  
GLU N   H    sing N N 90  
GLU N   H2   sing N N 91  
GLU CA  C    sing N N 92  
GLU CA  CB   sing N N 93  
GLU CA  HA   sing N N 94  
GLU C   O    doub N N 95  
GLU C   OXT  sing N N 96  
GLU CB  CG   sing N N 97  
GLU CB  HB2  sing N N 98  
GLU CB  HB3  sing N N 99  
GLU CG  CD   sing N N 100 
GLU CG  HG2  sing N N 101 
GLU CG  HG3  sing N N 102 
GLU CD  OE1  doub N N 103 
GLU CD  OE2  sing N N 104 
GLU OE2 HE2  sing N N 105 
GLU OXT HXT  sing N N 106 
GLY N   CA   sing N N 107 
GLY N   H    sing N N 108 
GLY N   H2   sing N N 109 
GLY CA  C    sing N N 110 
GLY CA  HA2  sing N N 111 
GLY CA  HA3  sing N N 112 
GLY C   O    doub N N 113 
GLY C   OXT  sing N N 114 
GLY OXT HXT  sing N N 115 
HIS N   CA   sing N N 116 
HIS N   H    sing N N 117 
HIS N   H2   sing N N 118 
HIS CA  C    sing N N 119 
HIS CA  CB   sing N N 120 
HIS CA  HA   sing N N 121 
HIS C   O    doub N N 122 
HIS C   OXT  sing N N 123 
HIS CB  CG   sing N N 124 
HIS CB  HB2  sing N N 125 
HIS CB  HB3  sing N N 126 
HIS CG  ND1  sing Y N 127 
HIS CG  CD2  doub Y N 128 
HIS ND1 CE1  doub Y N 129 
HIS ND1 HD1  sing N N 130 
HIS CD2 NE2  sing Y N 131 
HIS CD2 HD2  sing N N 132 
HIS CE1 NE2  sing Y N 133 
HIS CE1 HE1  sing N N 134 
HIS NE2 HE2  sing N N 135 
HIS OXT HXT  sing N N 136 
HOH O   H1   sing N N 137 
HOH O   H2   sing N N 138 
ILE N   CA   sing N N 139 
ILE N   H    sing N N 140 
ILE N   H2   sing N N 141 
ILE CA  C    sing N N 142 
ILE CA  CB   sing N N 143 
ILE CA  HA   sing N N 144 
ILE C   O    doub N N 145 
ILE C   OXT  sing N N 146 
ILE CB  CG1  sing N N 147 
ILE CB  CG2  sing N N 148 
ILE CB  HB   sing N N 149 
ILE CG1 CD1  sing N N 150 
ILE CG1 HG12 sing N N 151 
ILE CG1 HG13 sing N N 152 
ILE CG2 HG21 sing N N 153 
ILE CG2 HG22 sing N N 154 
ILE CG2 HG23 sing N N 155 
ILE CD1 HD11 sing N N 156 
ILE CD1 HD12 sing N N 157 
ILE CD1 HD13 sing N N 158 
ILE OXT HXT  sing N N 159 
LEU N   CA   sing N N 160 
LEU N   H    sing N N 161 
LEU N   H2   sing N N 162 
LEU CA  C    sing N N 163 
LEU CA  CB   sing N N 164 
LEU CA  HA   sing N N 165 
LEU C   O    doub N N 166 
LEU C   OXT  sing N N 167 
LEU CB  CG   sing N N 168 
LEU CB  HB2  sing N N 169 
LEU CB  HB3  sing N N 170 
LEU CG  CD1  sing N N 171 
LEU CG  CD2  sing N N 172 
LEU CG  HG   sing N N 173 
LEU CD1 HD11 sing N N 174 
LEU CD1 HD12 sing N N 175 
LEU CD1 HD13 sing N N 176 
LEU CD2 HD21 sing N N 177 
LEU CD2 HD22 sing N N 178 
LEU CD2 HD23 sing N N 179 
LEU OXT HXT  sing N N 180 
LYS N   CA   sing N N 181 
LYS N   H    sing N N 182 
LYS N   H2   sing N N 183 
LYS CA  C    sing N N 184 
LYS CA  CB   sing N N 185 
LYS CA  HA   sing N N 186 
LYS C   O    doub N N 187 
LYS C   OXT  sing N N 188 
LYS CB  CG   sing N N 189 
LYS CB  HB2  sing N N 190 
LYS CB  HB3  sing N N 191 
LYS CG  CD   sing N N 192 
LYS CG  HG2  sing N N 193 
LYS CG  HG3  sing N N 194 
LYS CD  CE   sing N N 195 
LYS CD  HD2  sing N N 196 
LYS CD  HD3  sing N N 197 
LYS CE  NZ   sing N N 198 
LYS CE  HE2  sing N N 199 
LYS CE  HE3  sing N N 200 
LYS NZ  HZ1  sing N N 201 
LYS NZ  HZ2  sing N N 202 
LYS NZ  HZ3  sing N N 203 
LYS OXT HXT  sing N N 204 
MET N   CA   sing N N 205 
MET N   H    sing N N 206 
MET N   H2   sing N N 207 
MET CA  C    sing N N 208 
MET CA  CB   sing N N 209 
MET CA  HA   sing N N 210 
MET C   O    doub N N 211 
MET C   OXT  sing N N 212 
MET CB  CG   sing N N 213 
MET CB  HB2  sing N N 214 
MET CB  HB3  sing N N 215 
MET CG  SD   sing N N 216 
MET CG  HG2  sing N N 217 
MET CG  HG3  sing N N 218 
MET SD  CE   sing N N 219 
MET CE  HE1  sing N N 220 
MET CE  HE2  sing N N 221 
MET CE  HE3  sing N N 222 
MET OXT HXT  sing N N 223 
PHE N   CA   sing N N 224 
PHE N   H    sing N N 225 
PHE N   H2   sing N N 226 
PHE CA  C    sing N N 227 
PHE CA  CB   sing N N 228 
PHE CA  HA   sing N N 229 
PHE C   O    doub N N 230 
PHE C   OXT  sing N N 231 
PHE CB  CG   sing N N 232 
PHE CB  HB2  sing N N 233 
PHE CB  HB3  sing N N 234 
PHE CG  CD1  doub Y N 235 
PHE CG  CD2  sing Y N 236 
PHE CD1 CE1  sing Y N 237 
PHE CD1 HD1  sing N N 238 
PHE CD2 CE2  doub Y N 239 
PHE CD2 HD2  sing N N 240 
PHE CE1 CZ   doub Y N 241 
PHE CE1 HE1  sing N N 242 
PHE CE2 CZ   sing Y N 243 
PHE CE2 HE2  sing N N 244 
PHE CZ  HZ   sing N N 245 
PHE OXT HXT  sing N N 246 
PRO N   CA   sing N N 247 
PRO N   CD   sing N N 248 
PRO N   H    sing N N 249 
PRO CA  C    sing N N 250 
PRO CA  CB   sing N N 251 
PRO CA  HA   sing N N 252 
PRO C   O    doub N N 253 
PRO C   OXT  sing N N 254 
PRO CB  CG   sing N N 255 
PRO CB  HB2  sing N N 256 
PRO CB  HB3  sing N N 257 
PRO CG  CD   sing N N 258 
PRO CG  HG2  sing N N 259 
PRO CG  HG3  sing N N 260 
PRO CD  HD2  sing N N 261 
PRO CD  HD3  sing N N 262 
PRO OXT HXT  sing N N 263 
SER N   CA   sing N N 264 
SER N   H    sing N N 265 
SER N   H2   sing N N 266 
SER CA  C    sing N N 267 
SER CA  CB   sing N N 268 
SER CA  HA   sing N N 269 
SER C   O    doub N N 270 
SER C   OXT  sing N N 271 
SER CB  OG   sing N N 272 
SER CB  HB2  sing N N 273 
SER CB  HB3  sing N N 274 
SER OG  HG   sing N N 275 
SER OXT HXT  sing N N 276 
SO4 S   O1   doub N N 277 
SO4 S   O2   doub N N 278 
SO4 S   O3   sing N N 279 
SO4 S   O4   sing N N 280 
THR N   CA   sing N N 281 
THR N   H    sing N N 282 
THR N   H2   sing N N 283 
THR CA  C    sing N N 284 
THR CA  CB   sing N N 285 
THR CA  HA   sing N N 286 
THR C   O    doub N N 287 
THR C   OXT  sing N N 288 
THR CB  OG1  sing N N 289 
THR CB  CG2  sing N N 290 
THR CB  HB   sing N N 291 
THR OG1 HG1  sing N N 292 
THR CG2 HG21 sing N N 293 
THR CG2 HG22 sing N N 294 
THR CG2 HG23 sing N N 295 
THR OXT HXT  sing N N 296 
VAL N   CA   sing N N 297 
VAL N   H    sing N N 298 
VAL N   H2   sing N N 299 
VAL CA  C    sing N N 300 
VAL CA  CB   sing N N 301 
VAL CA  HA   sing N N 302 
VAL C   O    doub N N 303 
VAL C   OXT  sing N N 304 
VAL CB  CG1  sing N N 305 
VAL CB  CG2  sing N N 306 
VAL CB  HB   sing N N 307 
VAL CG1 HG11 sing N N 308 
VAL CG1 HG12 sing N N 309 
VAL CG1 HG13 sing N N 310 
VAL CG2 HG21 sing N N 311 
VAL CG2 HG22 sing N N 312 
VAL CG2 HG23 sing N N 313 
VAL OXT HXT  sing N N 314 
# 
loop_
_pdbx_entity_nonpoly.entity_id 
_pdbx_entity_nonpoly.name 
_pdbx_entity_nonpoly.comp_id 
3 'ZINC ION'    ZN  
4 'SULFATE ION' SO4 
5 water         HOH 
# 
_pdbx_initial_refinement_model.id               1 
_pdbx_initial_refinement_model.entity_id_list   ? 
_pdbx_initial_refinement_model.type             'experimental model' 
_pdbx_initial_refinement_model.source_name      PDB 
_pdbx_initial_refinement_model.accession_code   1I2T 
_pdbx_initial_refinement_model.details          'pdb entry 1I2T' 
# 
